data_7QNG
#
_entry.id   7QNG
#
_cell.length_a   74.760
_cell.length_b   168.530
_cell.length_c   187.050
_cell.angle_alpha   90.000
_cell.angle_beta   90.000
_cell.angle_gamma   90.000
#
_symmetry.space_group_name_H-M   'P 2 21 21'
#
loop_
_entity.id
_entity.type
_entity.pdbx_description
1 polymer Tapasin
2 polymer 'Protein disulfide-isomerase A3'
3 polymer 'H-2 class I histocompatibility antigen, D-B alpha chain'
4 polymer Beta-2-microglobulin
5 branched beta-D-mannopyranose-(1-4)-2-acetamido-2-deoxy-beta-D-glucopyranose-(1-4)-2-acetamido-2-deoxy-beta-D-glucopyranose
6 water water
#
loop_
_entity_poly.entity_id
_entity_poly.type
_entity_poly.pdbx_seq_one_letter_code
_entity_poly.pdbx_strand_id
1 'polypeptide(L)'
;MKSLSLLLAVALGLATAVSAGPAVIECWFVEDASGKGLAKRPGALLLRQGPGEPPPRPDLDPELYLSVHDPAGALQAAFR
RYPRGAPAPHCEMSRFVPLPASAKWASGLTPAQNCPRALDGAWLMVSISSPVLSLSSLLRPQPEPQQEPVLITMATVVLT
VLTHTPAPRVRLGQDALLDLSFAYMPPTSEAASSLAPGPPPFGLEWRRQHLGKGHLLLAATPGLNGQMPAAQEGAVAFAA
WDDDEPWGPWTGNGTFWLPRVQPFQEGTYLATIHLPYLQGQVTLELAVYKPPKVSLMPATLARAAPGEAPPELLCLVSHF
YPSGGLEVEWELRGGPGGRSQKAEGQRWLSALRHHSDGSVSLSGHLQPPPVTTEQHGARYACRIHHPSLPASGRSAEVTL
EGSENLYFQGHHHHHHGSE
;
A
2 'polypeptide(L)'
;MRLRRLALFPGVALLLAAARLAAASDVLELTDDNFESRISDTGSAGLMLVEFFAPWCGHAKRLAPEYEAAATRLKGIVPL
AKVDCTANTNTCNKYGVSGYPTLKIFRDGEEAGAYDGPRTADGIVSHLKKQAGPASVPLRTEEEFKKFISDKDASIVGFF
DDSFSEAHSEFLKAASNLRDNYRFAHTNVESLVNEYDDNGEGIILFRPSHLTNKFEDKTVAYTEQKMTSGKIKKFIQENI
FGICPHMTEDNKDLIQGKDLLIAYYDVDYEKNAKGSNYWRNRVMMVAKKFLDAGHKLNFAVASRKTFSHELSDFGLESTA
GEIPVVAIRTAKGEKFVMQEEFSRDGKALERFLQDYFDGNLKRYLKSEPIPESNDGPVKVVVAENFDEIVNNENKDVLIE
FYAPWCGHCKNLEPKYKELGEKLSKDPNIVIAKMDATANDVPSPYEVRGFPTIYFSPANKKLNPKKYEGGRELSDFISYL
QREATNPPVIQEEKPKKKKKAQEDL
;
B
3 'polypeptide(L)'
;MGPHSMRYFETAVSRPGLEEPRYISVGYVDNKEFVRFDSDAENPRYEPRAPWMEQEGPEYWERETQKAKGQEQWFRVSLR
NLLGYYNQSAGGSHTLQQMSGCDLGSDWRLLRGYLQFAYEGRDYIALNEDLKTWTAADMAAQITRRKWEQSGAAEHYKAY
LEGECVEWLHRYLKNGNATLLRTDSPKAHVTHHPRSKGEVTLRCWALGFYPADITLTWQLNGEELTQDMELVETRPAGDG
TFQKWASVVVPLGKEQNYTCRVYHEGLPEPLTLRWEP
;
C
4 'polypeptide(L)'
;MIQRTPKIQVYSRHPAENGKSNFLNCYVSGFHPSDIEVDLLKNGERIEKVEHSDLSFSKDWSFYLLYYTEFTPTEKDEYA
CRVNHVTLSQPKIVKWDRDM
;
D
#
loop_
_chem_comp.id
_chem_comp.type
_chem_comp.name
_chem_comp.formula
BMA D-saccharide, beta linking beta-D-mannopyranose 'C6 H12 O6'
NAG D-saccharide, beta linking 2-acetamido-2-deoxy-beta-D-glucopyranose 'C8 H15 N O6'
#
# COMPACT_ATOMS: atom_id res chain seq x y z
N GLY A 21 29.59 14.24 -17.06
CA GLY A 21 29.95 13.05 -17.84
C GLY A 21 30.86 12.12 -17.06
N PRO A 22 30.35 11.42 -16.01
CA PRO A 22 31.19 10.56 -15.17
C PRO A 22 31.83 9.42 -15.98
N ALA A 23 31.11 8.85 -16.95
CA ALA A 23 31.62 7.73 -17.78
C ALA A 23 31.74 6.48 -16.91
N VAL A 24 32.47 6.56 -15.81
CA VAL A 24 32.57 5.40 -14.87
C VAL A 24 32.09 5.85 -13.48
N ILE A 25 31.19 5.07 -12.88
CA ILE A 25 30.71 5.39 -11.52
C ILE A 25 31.15 4.26 -10.61
N GLU A 26 31.97 4.60 -9.60
CA GLU A 26 32.37 3.64 -8.58
C GLU A 26 31.15 3.32 -7.75
N CYS A 27 31.03 2.05 -7.35
CA CYS A 27 29.83 1.53 -6.72
C CYS A 27 30.19 0.44 -5.71
N TRP A 28 29.43 0.37 -4.61
CA TRP A 28 29.51 -0.74 -3.65
C TRP A 28 28.56 -1.87 -4.02
N PHE A 29 29.08 -3.09 -4.08
CA PHE A 29 28.26 -4.29 -4.19
C PHE A 29 27.95 -4.81 -2.79
N VAL A 30 26.66 -4.83 -2.44
CA VAL A 30 26.18 -5.28 -1.12
C VAL A 30 25.68 -6.70 -1.26
N GLU A 31 26.19 -7.60 -0.42
CA GLU A 31 25.80 -9.01 -0.46
C GLU A 31 25.39 -9.47 0.90
N ASP A 32 24.46 -10.43 0.92
CA ASP A 32 24.11 -11.08 2.20
C ASP A 32 25.26 -12.02 2.56
N ALA A 33 26.19 -11.56 3.41
CA ALA A 33 27.39 -12.38 3.72
C ALA A 33 27.01 -13.58 4.58
N SER A 34 26.80 -14.74 3.97
CA SER A 34 26.49 -15.98 4.73
C SER A 34 25.44 -15.73 5.81
N GLY A 35 24.51 -14.79 5.58
CA GLY A 35 23.44 -14.61 6.56
C GLY A 35 23.92 -14.13 7.93
N LYS A 36 25.24 -13.99 8.09
CA LYS A 36 25.84 -13.48 9.31
C LYS A 36 25.79 -11.94 9.37
N GLY A 37 25.61 -11.30 8.20
CA GLY A 37 25.49 -9.86 8.06
C GLY A 37 25.88 -9.37 6.68
N LEU A 38 25.38 -8.18 6.32
CA LEU A 38 25.69 -7.55 5.03
C LEU A 38 27.13 -7.06 5.01
N ALA A 39 27.72 -7.07 3.81
CA ALA A 39 29.09 -6.60 3.60
C ALA A 39 29.18 -5.94 2.23
N LYS A 40 30.00 -4.89 2.13
CA LYS A 40 30.17 -4.15 0.88
C LYS A 40 31.50 -4.51 0.23
N ARG A 41 31.52 -4.53 -1.10
CA ARG A 41 32.70 -4.88 -1.93
C ARG A 41 32.78 -3.93 -3.12
N PRO A 42 33.99 -3.47 -3.52
CA PRO A 42 34.11 -2.49 -4.60
C PRO A 42 33.65 -3.04 -5.95
N GLY A 43 32.91 -2.20 -6.71
CA GLY A 43 32.57 -2.45 -8.10
C GLY A 43 32.57 -1.13 -8.86
N ALA A 44 32.12 -1.19 -10.11
CA ALA A 44 31.98 -0.01 -10.96
C ALA A 44 31.00 -0.24 -12.10
N LEU A 45 30.28 0.83 -12.47
CA LEU A 45 29.37 0.87 -13.61
C LEU A 45 29.98 1.76 -14.69
N LEU A 46 30.16 1.20 -15.89
CA LEU A 46 30.72 1.90 -17.05
C LEU A 46 29.62 2.10 -18.08
N LEU A 47 29.17 3.35 -18.22
CA LEU A 47 28.12 3.71 -19.18
C LEU A 47 28.73 3.66 -20.59
N ARG A 48 28.27 2.70 -21.39
CA ARG A 48 28.85 2.48 -22.74
C ARG A 48 28.81 3.77 -23.56
N GLN A 49 29.98 4.29 -23.94
CA GLN A 49 30.05 5.50 -24.79
C GLN A 49 29.97 5.07 -26.25
N GLY A 50 30.14 3.78 -26.53
CA GLY A 50 30.15 3.28 -27.91
C GLY A 50 31.57 2.99 -28.37
N PRO A 51 32.19 3.85 -29.20
CA PRO A 51 33.53 3.58 -29.73
C PRO A 51 34.58 3.54 -28.62
N GLY A 52 35.57 2.63 -28.74
CA GLY A 52 36.64 2.54 -27.75
C GLY A 52 36.45 1.36 -26.79
N GLU A 53 37.53 0.71 -26.40
CA GLU A 53 37.46 -0.43 -25.44
C GLU A 53 37.34 0.10 -24.02
N PRO A 54 36.85 -0.69 -23.07
CA PRO A 54 36.71 -0.22 -21.68
C PRO A 54 38.06 -0.15 -20.97
N PRO A 55 38.22 0.74 -19.95
CA PRO A 55 39.44 0.79 -19.17
C PRO A 55 39.61 -0.47 -18.33
N PRO A 56 40.78 -1.15 -18.37
CA PRO A 56 41.04 -2.28 -17.47
C PRO A 56 41.03 -1.86 -16.00
N ARG A 57 40.37 -2.65 -15.15
CA ARG A 57 40.24 -2.41 -13.69
C ARG A 57 40.71 -3.66 -12.95
N PRO A 58 42.04 -3.90 -12.89
CA PRO A 58 42.59 -5.03 -12.15
C PRO A 58 42.40 -4.89 -10.62
N ASP A 59 42.06 -3.69 -10.14
CA ASP A 59 41.70 -3.48 -8.74
C ASP A 59 40.32 -4.05 -8.40
N LEU A 60 39.49 -4.27 -9.43
CA LEU A 60 38.12 -4.74 -9.28
C LEU A 60 37.93 -6.19 -9.70
N ASP A 61 37.06 -6.86 -8.95
CA ASP A 61 36.52 -8.16 -9.27
C ASP A 61 35.74 -8.03 -10.58
N PRO A 62 36.13 -8.77 -11.64
CA PRO A 62 35.44 -8.66 -12.94
C PRO A 62 33.92 -8.83 -12.88
N GLU A 63 33.41 -9.62 -11.93
CA GLU A 63 31.97 -9.83 -11.76
C GLU A 63 31.24 -8.55 -11.33
N LEU A 64 31.95 -7.68 -10.62
CA LEU A 64 31.43 -6.41 -10.12
C LEU A 64 31.85 -5.18 -10.95
N TYR A 65 32.51 -5.42 -12.09
CA TYR A 65 32.85 -4.38 -13.09
C TYR A 65 31.92 -4.56 -14.30
N LEU A 66 30.93 -3.68 -14.42
CA LEU A 66 29.82 -3.85 -15.37
C LEU A 66 29.89 -2.87 -16.51
N SER A 67 29.84 -3.38 -17.74
CA SER A 67 29.70 -2.59 -18.95
C SER A 67 28.20 -2.51 -19.20
N VAL A 68 27.63 -1.34 -18.88
CA VAL A 68 26.18 -1.13 -18.88
C VAL A 68 25.66 -0.63 -20.24
N HIS A 69 24.79 -1.43 -20.85
CA HIS A 69 24.07 -1.07 -22.08
C HIS A 69 22.63 -0.69 -21.73
N ASP A 70 22.22 0.53 -22.09
CA ASP A 70 20.88 1.04 -21.77
C ASP A 70 20.10 1.47 -23.00
N PRO A 71 19.35 0.54 -23.64
CA PRO A 71 18.53 0.87 -24.81
C PRO A 71 17.60 2.07 -24.59
N ALA A 72 17.00 2.17 -23.40
CA ALA A 72 16.08 3.26 -23.07
C ALA A 72 16.79 4.61 -23.03
N GLY A 73 18.07 4.59 -22.63
CA GLY A 73 18.92 5.76 -22.59
C GLY A 73 18.59 6.80 -21.52
N ALA A 74 17.99 6.34 -20.41
CA ALA A 74 17.60 7.18 -19.29
C ALA A 74 18.72 7.28 -18.27
N LEU A 75 19.38 6.14 -18.02
CA LEU A 75 20.52 6.05 -17.12
C LEU A 75 21.66 6.92 -17.63
N GLN A 76 21.99 6.76 -18.90
CA GLN A 76 23.09 7.48 -19.53
C GLN A 76 22.79 8.98 -19.68
N ALA A 77 21.52 9.31 -19.93
CA ALA A 77 21.14 10.72 -20.11
C ALA A 77 21.15 11.41 -18.74
N ALA A 78 20.98 10.64 -17.67
CA ALA A 78 20.95 11.22 -16.30
C ALA A 78 22.33 11.76 -15.94
N PHE A 79 23.37 11.17 -16.50
CA PHE A 79 24.74 11.56 -16.09
C PHE A 79 25.43 12.43 -17.15
N ARG A 80 24.84 12.59 -18.33
CA ARG A 80 25.36 13.54 -19.34
C ARG A 80 25.12 14.96 -18.82
N ARG A 81 23.98 15.18 -18.17
CA ARG A 81 23.64 16.51 -17.61
C ARG A 81 24.38 16.71 -16.28
N TYR A 82 24.79 15.61 -15.64
CA TYR A 82 25.44 15.71 -14.30
C TYR A 82 26.53 16.79 -14.36
N PRO A 83 26.54 17.78 -13.44
CA PRO A 83 27.52 18.87 -13.48
C PRO A 83 28.95 18.34 -13.38
N ARG A 84 29.72 18.46 -14.46
CA ARG A 84 31.13 18.02 -14.43
C ARG A 84 31.81 18.67 -13.22
N GLY A 85 32.72 17.95 -12.57
CA GLY A 85 33.41 18.48 -11.41
C GLY A 85 32.58 18.58 -10.15
N ALA A 86 31.47 17.82 -10.10
CA ALA A 86 30.65 17.68 -8.90
C ALA A 86 31.15 16.46 -8.14
N PRO A 87 30.79 16.27 -6.86
CA PRO A 87 31.22 15.08 -6.12
C PRO A 87 30.63 13.82 -6.78
N ALA A 88 31.36 12.71 -6.72
CA ALA A 88 30.85 11.43 -7.20
C ALA A 88 29.54 11.14 -6.49
N PRO A 89 28.52 10.58 -7.18
CA PRO A 89 27.30 10.15 -6.51
C PRO A 89 27.54 8.88 -5.69
N HIS A 90 26.79 8.70 -4.61
CA HIS A 90 26.79 7.45 -3.87
C HIS A 90 26.07 6.39 -4.69
N CYS A 91 26.66 5.20 -4.77
CA CYS A 91 26.15 4.11 -5.60
C CYS A 91 26.22 2.77 -4.85
N GLU A 92 25.11 2.02 -4.89
CA GLU A 92 25.01 0.71 -4.29
C GLU A 92 24.26 -0.22 -5.24
N MET A 93 24.73 -1.47 -5.32
CA MET A 93 24.04 -2.51 -6.07
C MET A 93 23.99 -3.80 -5.27
N SER A 94 22.98 -4.63 -5.57
CA SER A 94 22.82 -5.94 -4.97
C SER A 94 22.01 -6.90 -5.82
N ARG A 95 22.18 -8.18 -5.57
CA ARG A 95 21.44 -9.17 -6.38
C ARG A 95 20.01 -9.18 -5.87
N PHE A 96 19.09 -9.49 -6.74
CA PHE A 96 17.67 -9.65 -6.30
C PHE A 96 16.95 -10.66 -7.21
N VAL A 97 15.96 -11.37 -6.65
CA VAL A 97 15.18 -12.35 -7.45
C VAL A 97 13.78 -11.78 -7.68
N PRO A 98 13.27 -11.73 -8.94
CA PRO A 98 11.98 -11.14 -9.19
C PRO A 98 10.85 -11.75 -8.35
N LEU A 99 10.06 -10.93 -7.65
CA LEU A 99 8.93 -11.39 -6.87
C LEU A 99 7.71 -10.64 -7.40
N PRO A 100 6.48 -11.16 -7.24
CA PRO A 100 5.29 -10.42 -7.64
C PRO A 100 4.99 -9.37 -6.56
N ALA A 101 4.27 -8.30 -6.92
CA ALA A 101 3.90 -7.27 -5.98
C ALA A 101 2.83 -7.79 -5.03
N SER A 102 3.04 -7.64 -3.74
CA SER A 102 2.10 -8.24 -2.77
C SER A 102 0.97 -7.28 -2.45
N ALA A 103 0.95 -6.13 -3.09
CA ALA A 103 -0.05 -5.08 -2.76
C ALA A 103 -1.36 -5.37 -3.51
N LYS A 104 -2.49 -5.18 -2.83
CA LYS A 104 -3.79 -5.43 -3.46
C LYS A 104 -3.97 -4.60 -4.73
N TRP A 105 -3.78 -3.28 -4.63
CA TRP A 105 -3.99 -2.35 -5.75
C TRP A 105 -3.21 -2.74 -7.02
N ALA A 106 -2.12 -3.50 -6.84
CA ALA A 106 -1.25 -3.94 -7.93
C ALA A 106 -1.47 -5.38 -8.41
N SER A 107 -2.58 -6.01 -7.99
CA SER A 107 -2.83 -7.42 -8.28
C SER A 107 -3.06 -7.70 -9.77
N GLY A 108 -3.71 -6.75 -10.46
CA GLY A 108 -4.00 -6.93 -11.90
C GLY A 108 -2.74 -6.94 -12.74
N LEU A 109 -1.62 -6.41 -12.26
CA LEU A 109 -0.43 -6.31 -13.13
C LEU A 109 0.10 -7.72 -13.39
N THR A 110 -0.17 -8.66 -12.49
CA THR A 110 0.21 -10.07 -12.75
C THR A 110 -0.99 -10.93 -12.38
N PRO A 111 -1.98 -11.16 -13.28
CA PRO A 111 -3.20 -11.89 -12.93
C PRO A 111 -3.10 -13.41 -13.10
N ALA A 112 -1.88 -13.96 -13.10
CA ALA A 112 -1.74 -15.40 -13.21
C ALA A 112 -0.96 -15.93 -12.01
N GLN A 113 -1.02 -17.24 -11.82
CA GLN A 113 -0.28 -17.85 -10.69
C GLN A 113 0.94 -18.57 -11.26
N ASN A 114 1.63 -17.92 -12.19
CA ASN A 114 2.87 -18.43 -12.73
C ASN A 114 3.86 -17.28 -12.80
N CYS A 115 5.11 -17.61 -13.10
CA CYS A 115 6.12 -16.58 -13.29
C CYS A 115 6.61 -16.57 -14.74
N PRO A 116 6.82 -15.36 -15.32
CA PRO A 116 7.32 -15.24 -16.68
C PRO A 116 8.69 -15.90 -16.82
N ARG A 117 8.94 -16.53 -17.97
CA ARG A 117 10.22 -17.20 -18.22
C ARG A 117 11.19 -16.17 -18.74
N ALA A 118 10.67 -14.99 -19.06
CA ALA A 118 11.52 -13.93 -19.61
C ALA A 118 12.45 -13.41 -18.52
N LEU A 119 12.08 -13.64 -17.28
CA LEU A 119 12.85 -13.08 -16.16
C LEU A 119 13.92 -14.08 -15.70
N ASP A 120 14.07 -15.19 -16.40
CA ASP A 120 15.17 -16.11 -16.13
C ASP A 120 16.48 -15.35 -16.08
N GLY A 121 17.41 -15.81 -15.25
CA GLY A 121 18.75 -15.25 -15.19
C GLY A 121 18.94 -14.38 -13.98
N ALA A 122 20.12 -13.78 -13.88
CA ALA A 122 20.50 -12.93 -12.75
C ALA A 122 19.97 -11.53 -12.93
N TRP A 123 19.68 -10.87 -11.81
CA TRP A 123 19.24 -9.47 -11.78
C TRP A 123 20.00 -8.68 -10.73
N LEU A 124 20.30 -7.42 -11.07
CA LEU A 124 20.91 -6.47 -10.13
C LEU A 124 20.02 -5.26 -10.06
N MET A 125 19.82 -4.73 -8.85
CA MET A 125 19.25 -3.40 -8.67
C MET A 125 20.37 -2.43 -8.27
N VAL A 126 20.52 -1.37 -9.08
CA VAL A 126 21.46 -0.30 -8.84
C VAL A 126 20.69 0.85 -8.26
N SER A 127 21.28 1.50 -7.26
CA SER A 127 20.71 2.71 -6.65
C SER A 127 21.78 3.78 -6.61
N ILE A 128 21.60 4.85 -7.38
CA ILE A 128 22.59 5.97 -7.40
C ILE A 128 21.92 7.20 -6.79
N SER A 129 22.60 7.88 -5.88
CA SER A 129 21.99 9.02 -5.16
C SER A 129 22.98 10.16 -4.98
N SER A 130 22.53 11.38 -5.22
CA SER A 130 23.36 12.56 -4.99
C SER A 130 22.40 13.73 -4.73
N PRO A 131 22.91 14.93 -4.39
CA PRO A 131 22.05 16.10 -4.20
C PRO A 131 21.18 16.57 -5.39
N VAL A 132 21.56 16.13 -6.57
CA VAL A 132 20.88 16.54 -7.83
C VAL A 132 20.06 15.37 -8.37
N LEU A 133 20.36 14.15 -7.98
CA LEU A 133 19.65 13.02 -8.61
C LEU A 133 19.63 11.79 -7.72
N SER A 134 18.50 11.09 -7.73
CA SER A 134 18.41 9.77 -7.08
C SER A 134 17.86 8.84 -8.15
N LEU A 135 18.54 7.73 -8.40
CA LEU A 135 18.15 6.81 -9.48
C LEU A 135 18.18 5.36 -9.08
N SER A 136 17.26 4.57 -9.60
CA SER A 136 17.28 3.11 -9.37
C SER A 136 17.09 2.42 -10.71
N SER A 137 17.94 1.43 -10.99
CA SER A 137 17.87 0.73 -12.28
C SER A 137 17.94 -0.77 -12.06
N LEU A 138 17.18 -1.50 -12.86
CA LEU A 138 17.21 -2.98 -12.77
C LEU A 138 18.03 -3.48 -13.93
N LEU A 139 19.15 -4.13 -13.64
CA LEU A 139 20.08 -4.61 -14.65
C LEU A 139 20.06 -6.12 -14.71
N ARG A 140 20.41 -6.63 -15.89
CA ARG A 140 20.55 -8.08 -16.08
C ARG A 140 21.99 -8.33 -16.55
N PRO A 141 22.90 -8.74 -15.66
CA PRO A 141 24.28 -9.04 -16.03
C PRO A 141 24.42 -10.46 -16.59
N GLN A 142 25.44 -10.68 -17.41
CA GLN A 142 25.79 -12.00 -17.89
C GLN A 142 26.34 -12.82 -16.73
N PRO A 143 26.24 -14.17 -16.77
CA PRO A 143 26.66 -15.01 -15.65
C PRO A 143 28.18 -15.05 -15.46
N GLU A 144 28.93 -14.67 -16.50
CA GLU A 144 30.40 -14.73 -16.38
C GLU A 144 31.02 -13.52 -17.09
N PRO A 145 32.16 -13.00 -16.60
CA PRO A 145 32.77 -11.81 -17.17
C PRO A 145 33.47 -12.05 -18.51
N GLN A 146 33.40 -11.12 -19.44
CA GLN A 146 34.16 -11.26 -20.71
C GLN A 146 35.64 -11.35 -20.37
N GLN A 147 36.36 -12.30 -20.96
CA GLN A 147 37.78 -12.53 -20.59
C GLN A 147 38.74 -11.76 -21.50
N GLU A 148 38.37 -11.51 -22.76
CA GLU A 148 39.18 -10.67 -23.67
C GLU A 148 38.25 -9.73 -24.46
N PRO A 149 38.66 -8.50 -24.78
CA PRO A 149 39.96 -7.97 -24.38
C PRO A 149 40.14 -7.56 -22.91
N VAL A 150 39.13 -6.94 -22.30
CA VAL A 150 39.23 -6.52 -20.87
C VAL A 150 38.33 -7.41 -20.02
N LEU A 151 38.76 -7.74 -18.82
CA LEU A 151 37.89 -8.52 -17.94
C LEU A 151 36.78 -7.60 -17.44
N ILE A 152 35.64 -7.62 -18.12
CA ILE A 152 34.45 -6.81 -17.71
C ILE A 152 33.19 -7.67 -17.87
N THR A 153 32.13 -7.36 -17.11
CA THR A 153 30.87 -8.12 -17.18
C THR A 153 29.82 -7.31 -17.93
N MET A 154 29.35 -7.81 -19.08
CA MET A 154 28.33 -7.12 -19.87
C MET A 154 26.99 -7.21 -19.14
N ALA A 155 26.26 -6.09 -19.11
CA ALA A 155 24.94 -6.02 -18.49
C ALA A 155 24.04 -5.04 -19.24
N THR A 156 22.74 -5.32 -19.22
CA THR A 156 21.74 -4.51 -19.92
C THR A 156 20.67 -4.00 -18.95
N VAL A 157 20.21 -2.78 -19.18
CA VAL A 157 19.25 -2.10 -18.33
C VAL A 157 17.85 -2.38 -18.84
N VAL A 158 17.00 -2.85 -17.91
CA VAL A 158 15.60 -3.18 -18.18
C VAL A 158 14.65 -2.06 -17.73
N LEU A 159 14.83 -1.59 -16.49
CA LEU A 159 13.98 -0.57 -15.87
C LEU A 159 14.82 0.44 -15.13
N THR A 160 14.52 1.72 -15.35
CA THR A 160 15.17 2.85 -14.68
C THR A 160 14.08 3.78 -14.16
N VAL A 161 14.21 4.23 -12.92
CA VAL A 161 13.29 5.15 -12.28
C VAL A 161 14.19 6.17 -11.59
N LEU A 162 13.82 7.46 -11.70
CA LEU A 162 14.70 8.52 -11.13
C LEU A 162 13.96 9.85 -10.91
N THR A 163 14.38 10.61 -9.89
CA THR A 163 13.87 11.94 -9.56
C THR A 163 15.01 12.96 -9.68
N HIS A 164 14.67 14.14 -10.21
CA HIS A 164 15.59 15.27 -10.27
C HIS A 164 15.33 16.21 -9.09
N THR A 165 14.44 15.79 -8.19
CA THR A 165 14.12 16.50 -6.97
C THR A 165 14.26 15.56 -5.77
N PRO A 166 15.49 15.04 -5.47
CA PRO A 166 15.68 14.08 -4.39
C PRO A 166 15.61 14.65 -2.96
N ALA A 167 15.66 15.98 -2.82
CA ALA A 167 15.58 16.62 -1.50
C ALA A 167 14.87 17.97 -1.61
N PRO A 168 13.58 17.99 -2.01
CA PRO A 168 12.85 19.23 -2.23
C PRO A 168 12.57 19.94 -0.90
N ARG A 169 12.70 21.26 -0.94
CA ARG A 169 12.38 22.10 0.22
C ARG A 169 11.13 22.88 -0.16
N VAL A 170 10.10 22.83 0.66
CA VAL A 170 8.82 23.50 0.30
C VAL A 170 8.41 24.45 1.41
N ARG A 171 8.13 25.69 1.05
CA ARG A 171 7.61 26.72 1.98
C ARG A 171 6.26 26.21 2.52
N LEU A 172 6.11 26.22 3.84
CA LEU A 172 4.85 25.88 4.48
C LEU A 172 3.72 26.60 3.75
N GLY A 173 2.72 25.82 3.30
CA GLY A 173 1.53 26.34 2.64
C GLY A 173 1.60 26.41 1.13
N GLN A 174 2.78 26.15 0.56
CA GLN A 174 2.97 26.04 -0.89
C GLN A 174 2.83 24.61 -1.41
N ASP A 175 2.59 24.49 -2.72
CA ASP A 175 2.50 23.20 -3.40
C ASP A 175 3.89 22.58 -3.56
N ALA A 176 3.94 21.25 -3.58
CA ALA A 176 5.17 20.51 -3.76
C ALA A 176 5.00 19.67 -4.99
N LEU A 177 5.94 19.83 -5.93
CA LEU A 177 5.96 19.07 -7.17
C LEU A 177 7.19 18.15 -7.16
N LEU A 178 6.95 16.86 -6.92
CA LEU A 178 8.02 15.86 -6.78
C LEU A 178 8.28 15.16 -8.10
N ASP A 179 9.41 15.49 -8.73
CA ASP A 179 9.78 14.96 -10.05
C ASP A 179 9.97 13.44 -10.05
N LEU A 180 9.45 12.81 -11.12
CA LEU A 180 9.64 11.39 -11.35
C LEU A 180 9.45 11.05 -12.81
N SER A 181 10.45 10.33 -13.32
CA SER A 181 10.41 9.82 -14.71
C SER A 181 10.97 8.39 -14.70
N PHE A 182 10.61 7.58 -15.68
CA PHE A 182 11.07 6.20 -15.79
C PHE A 182 11.18 5.74 -17.23
N ALA A 183 11.87 4.62 -17.44
CA ALA A 183 12.09 4.06 -18.76
C ALA A 183 12.07 2.55 -18.63
N TYR A 184 11.59 1.89 -19.69
CA TYR A 184 11.49 0.41 -19.68
C TYR A 184 11.81 -0.15 -21.05
N MET A 185 12.65 -1.18 -21.09
CA MET A 185 12.91 -1.91 -22.35
C MET A 185 12.63 -3.36 -22.04
N PRO A 186 11.52 -3.91 -22.51
CA PRO A 186 11.13 -5.27 -22.18
C PRO A 186 12.35 -6.21 -22.23
N PRO A 187 12.55 -7.07 -21.21
CA PRO A 187 13.70 -7.96 -21.17
C PRO A 187 13.66 -8.99 -22.32
N THR A 188 14.83 -9.35 -22.86
CA THR A 188 14.89 -10.35 -23.96
C THR A 188 14.29 -11.67 -23.46
N SER A 189 13.57 -12.38 -24.33
CA SER A 189 12.90 -13.64 -23.92
C SER A 189 13.49 -14.83 -24.71
N GLU A 190 13.44 -16.03 -24.13
CA GLU A 190 13.96 -17.24 -24.83
C GLU A 190 13.17 -17.41 -26.12
N ALA A 191 11.85 -17.18 -26.09
CA ALA A 191 11.00 -17.31 -27.29
C ALA A 191 9.59 -16.82 -26.98
N ALA A 192 8.64 -17.06 -27.89
CA ALA A 192 7.23 -16.69 -27.65
C ALA A 192 7.14 -15.21 -27.26
N SER A 193 7.58 -14.31 -28.14
CA SER A 193 7.49 -12.86 -27.87
C SER A 193 6.02 -12.50 -27.57
N SER A 194 5.80 -11.44 -26.79
CA SER A 194 4.40 -10.99 -26.52
C SER A 194 3.67 -10.82 -27.85
N LEU A 195 4.31 -10.16 -28.82
CA LEU A 195 3.62 -9.86 -30.10
C LEU A 195 2.43 -8.94 -29.78
N ALA A 196 2.41 -8.39 -28.56
CA ALA A 196 1.30 -7.50 -28.14
C ALA A 196 1.76 -6.06 -28.31
N PRO A 197 1.09 -5.26 -29.15
CA PRO A 197 1.58 -3.94 -29.42
C PRO A 197 1.26 -2.98 -28.28
N GLY A 198 1.99 -1.85 -28.20
CA GLY A 198 1.67 -0.82 -27.21
C GLY A 198 2.44 -0.97 -25.91
N PRO A 199 2.85 0.14 -25.25
CA PRO A 199 3.51 0.04 -23.95
C PRO A 199 2.57 -0.72 -23.00
N PRO A 200 3.07 -1.62 -22.13
CA PRO A 200 2.22 -2.45 -21.27
C PRO A 200 1.74 -1.67 -20.05
N PRO A 201 0.64 -2.07 -19.38
CA PRO A 201 0.21 -1.39 -18.16
C PRO A 201 1.28 -1.46 -17.06
N PHE A 202 1.49 -0.35 -16.35
CA PHE A 202 2.36 -0.32 -15.20
C PHE A 202 1.58 0.13 -13.97
N GLY A 203 2.27 0.17 -12.83
CA GLY A 203 1.73 0.66 -11.57
C GLY A 203 2.64 1.75 -11.03
N LEU A 204 2.04 2.70 -10.30
CA LEU A 204 2.77 3.77 -9.64
C LEU A 204 2.26 3.89 -8.23
N GLU A 205 3.18 3.88 -7.27
CA GLU A 205 2.83 4.01 -5.85
C GLU A 205 3.64 5.13 -5.21
N TRP A 206 2.95 6.07 -4.60
CA TRP A 206 3.58 7.14 -3.81
C TRP A 206 3.18 6.96 -2.36
N ARG A 207 4.18 6.79 -1.50
CA ARG A 207 3.95 6.61 -0.06
C ARG A 207 4.86 7.52 0.77
N ARG A 208 4.45 7.81 2.00
CA ARG A 208 5.28 8.59 2.94
C ARG A 208 5.52 7.78 4.20
N GLN A 209 6.76 7.71 4.65
CA GLN A 209 7.11 7.08 5.90
C GLN A 209 8.01 8.08 6.58
N HIS A 210 7.62 8.53 7.77
CA HIS A 210 8.39 9.51 8.52
C HIS A 210 8.05 9.44 9.99
N LEU A 211 9.09 9.28 10.81
CA LEU A 211 8.96 9.22 12.27
C LEU A 211 7.78 8.36 12.70
N GLY A 212 7.76 7.12 12.21
CA GLY A 212 6.81 6.11 12.62
C GLY A 212 5.41 6.17 12.05
N LYS A 213 5.16 7.13 11.14
CA LYS A 213 3.87 7.30 10.47
C LYS A 213 4.02 7.01 8.97
N GLY A 214 3.11 6.21 8.43
CA GLY A 214 3.16 5.77 7.05
C GLY A 214 1.78 5.79 6.42
N HIS A 215 1.72 6.25 5.17
CA HIS A 215 0.48 6.32 4.41
C HIS A 215 0.75 6.12 2.94
N LEU A 216 -0.06 5.26 2.31
CA LEU A 216 -0.19 5.21 0.87
C LEU A 216 -0.93 6.48 0.44
N LEU A 217 -0.25 7.34 -0.31
CA LEU A 217 -0.80 8.63 -0.69
C LEU A 217 -1.55 8.54 -2.02
N LEU A 218 -1.02 7.74 -2.94
CA LEU A 218 -1.56 7.62 -4.28
C LEU A 218 -1.12 6.33 -4.93
N ALA A 219 -2.07 5.63 -5.56
CA ALA A 219 -1.77 4.45 -6.37
C ALA A 219 -2.56 4.52 -7.67
N ALA A 220 -1.94 4.02 -8.74
CA ALA A 220 -2.48 4.08 -10.10
C ALA A 220 -1.93 2.95 -10.93
N THR A 221 -2.74 2.45 -11.87
CA THR A 221 -2.31 1.45 -12.86
C THR A 221 -2.70 1.85 -14.27
N PRO A 222 -2.02 2.84 -14.88
CA PRO A 222 -2.33 3.25 -16.26
C PRO A 222 -2.28 2.07 -17.23
N GLY A 223 -3.37 1.84 -17.97
CA GLY A 223 -3.52 0.69 -18.83
C GLY A 223 -4.46 -0.37 -18.29
N LEU A 224 -4.91 -0.21 -17.04
CA LEU A 224 -5.92 -1.04 -16.39
C LEU A 224 -6.80 -0.14 -15.52
N ASN A 225 -8.05 0.07 -15.94
CA ASN A 225 -8.94 1.00 -15.25
C ASN A 225 -9.79 0.33 -14.15
N GLY A 226 -9.07 -0.34 -13.26
CA GLY A 226 -9.73 -0.90 -12.09
C GLY A 226 -9.75 0.17 -11.03
N GLN A 227 -10.40 -0.07 -9.90
CA GLN A 227 -10.54 1.00 -8.89
C GLN A 227 -9.30 1.00 -8.03
N MET A 228 -8.77 2.18 -7.79
CA MET A 228 -7.55 2.29 -6.98
C MET A 228 -7.94 2.90 -5.65
N PRO A 229 -7.23 2.58 -4.57
CA PRO A 229 -7.46 3.23 -3.28
C PRO A 229 -7.42 4.76 -3.49
N ALA A 230 -8.36 5.48 -2.87
CA ALA A 230 -8.46 6.93 -3.05
C ALA A 230 -7.15 7.62 -2.74
N ALA A 231 -6.81 8.63 -3.53
CA ALA A 231 -5.62 9.42 -3.30
C ALA A 231 -5.91 10.32 -2.11
N GLN A 232 -4.85 10.64 -1.36
CA GLN A 232 -5.00 11.36 -0.12
C GLN A 232 -4.37 12.73 -0.17
N GLU A 233 -4.87 13.62 0.69
CA GLU A 233 -4.28 14.94 0.95
C GLU A 233 -4.23 15.84 -0.28
N GLY A 234 -5.19 15.64 -1.20
CA GLY A 234 -5.25 16.41 -2.43
C GLY A 234 -4.23 16.02 -3.48
N ALA A 235 -3.49 14.94 -3.25
CA ALA A 235 -2.46 14.47 -4.17
C ALA A 235 -3.01 14.00 -5.52
N VAL A 236 -2.26 14.30 -6.59
CA VAL A 236 -2.45 13.72 -7.90
C VAL A 236 -1.08 13.42 -8.48
N ALA A 237 -1.06 12.74 -9.64
CA ALA A 237 0.18 12.36 -10.29
C ALA A 237 0.00 12.35 -11.79
N PHE A 238 1.06 12.73 -12.50
CA PHE A 238 1.07 12.74 -13.95
C PHE A 238 1.61 11.38 -14.40
N ALA A 239 0.83 10.32 -14.14
CA ALA A 239 1.27 8.94 -14.35
C ALA A 239 0.86 8.50 -15.73
N ALA A 240 1.84 8.44 -16.64
CA ALA A 240 1.61 8.04 -18.01
C ALA A 240 2.90 7.68 -18.72
N TRP A 241 2.75 6.87 -19.78
CA TRP A 241 3.77 6.68 -20.77
C TRP A 241 3.79 7.94 -21.60
N ASP A 242 4.91 8.18 -22.27
CA ASP A 242 5.08 9.40 -23.06
C ASP A 242 4.58 9.16 -24.50
N ASP A 243 4.67 7.92 -24.98
CA ASP A 243 4.28 7.59 -26.38
C ASP A 243 3.46 6.30 -26.39
N ASP A 244 3.00 5.87 -27.58
CA ASP A 244 2.23 4.60 -27.72
C ASP A 244 2.99 3.68 -28.67
N GLU A 245 4.29 3.92 -28.85
CA GLU A 245 5.13 3.08 -29.76
C GLU A 245 4.73 1.62 -29.59
N PRO A 246 4.63 0.84 -30.69
CA PRO A 246 4.19 -0.56 -30.61
C PRO A 246 5.33 -1.46 -30.11
N TRP A 247 6.53 -0.96 -29.90
CA TRP A 247 7.57 -1.96 -29.55
C TRP A 247 8.46 -1.59 -28.36
N GLY A 248 8.87 -0.36 -28.26
CA GLY A 248 9.76 0.13 -27.19
C GLY A 248 11.20 0.30 -27.67
N PRO A 249 12.08 0.96 -26.89
CA PRO A 249 11.84 1.21 -25.47
C PRO A 249 10.78 2.28 -25.24
N TRP A 250 10.34 2.45 -23.98
CA TRP A 250 9.30 3.46 -23.65
C TRP A 250 9.72 4.26 -22.42
N THR A 251 9.43 5.56 -22.40
CA THR A 251 9.70 6.38 -21.23
C THR A 251 8.38 6.90 -20.70
N GLY A 252 8.35 7.18 -19.39
CA GLY A 252 7.13 7.57 -18.70
C GLY A 252 7.37 8.57 -17.61
N ASN A 253 6.25 9.05 -17.05
CA ASN A 253 6.30 10.12 -16.03
C ASN A 253 5.43 9.71 -14.84
N GLY A 254 5.90 9.94 -13.62
CA GLY A 254 5.16 9.67 -12.41
C GLY A 254 5.20 10.79 -11.38
N THR A 255 5.28 12.03 -11.87
CA THR A 255 5.44 13.22 -11.04
C THR A 255 4.25 13.42 -10.08
N PHE A 256 4.56 13.61 -8.80
CA PHE A 256 3.60 13.73 -7.70
C PHE A 256 3.38 15.21 -7.35
N TRP A 257 2.11 15.60 -7.22
CA TRP A 257 1.72 16.98 -6.93
C TRP A 257 0.93 16.98 -5.63
N LEU A 258 1.53 17.55 -4.58
CA LEU A 258 0.96 17.60 -3.25
C LEU A 258 0.65 19.06 -2.92
N PRO A 259 -0.64 19.44 -2.78
CA PRO A 259 -0.99 20.85 -2.55
C PRO A 259 -0.81 21.31 -1.10
N ARG A 260 -0.50 22.61 -0.94
CA ARG A 260 -0.52 23.38 0.33
C ARG A 260 0.11 22.55 1.46
N VAL A 261 1.41 22.24 1.33
CA VAL A 261 2.07 21.30 2.22
C VAL A 261 2.18 21.88 3.62
N GLN A 262 1.80 21.06 4.61
CA GLN A 262 1.91 21.39 6.03
C GLN A 262 3.04 20.57 6.65
N PRO A 263 3.52 20.93 7.85
CA PRO A 263 4.60 20.20 8.51
C PRO A 263 4.40 18.68 8.68
N PHE A 264 3.18 18.24 8.99
CA PHE A 264 2.89 16.81 9.16
C PHE A 264 3.18 15.99 7.90
N GLN A 265 3.29 16.68 6.75
CA GLN A 265 3.55 16.04 5.46
C GLN A 265 5.02 16.03 5.09
N GLU A 266 5.89 16.46 6.02
CA GLU A 266 7.32 16.38 5.80
C GLU A 266 7.78 14.92 5.89
N GLY A 267 8.96 14.64 5.34
CA GLY A 267 9.67 13.40 5.55
C GLY A 267 9.94 12.63 4.27
N THR A 268 10.16 11.32 4.42
CA THR A 268 10.60 10.48 3.31
C THR A 268 9.41 10.03 2.48
N TYR A 269 9.45 10.36 1.19
CA TYR A 269 8.46 9.97 0.15
C TYR A 269 9.09 8.85 -0.69
N LEU A 270 8.39 7.73 -0.78
CA LEU A 270 8.90 6.56 -1.51
C LEU A 270 8.03 6.36 -2.75
N ALA A 271 8.65 6.39 -3.91
CA ALA A 271 7.95 6.30 -5.19
C ALA A 271 8.38 5.01 -5.87
N THR A 272 7.43 4.16 -6.22
CA THR A 272 7.78 2.85 -6.82
C THR A 272 7.03 2.66 -8.13
N ILE A 273 7.76 2.37 -9.19
CA ILE A 273 7.11 2.04 -10.48
C ILE A 273 7.07 0.53 -10.53
N HIS A 274 5.89 -0.02 -10.73
CA HIS A 274 5.71 -1.48 -10.71
C HIS A 274 5.43 -2.01 -12.10
N LEU A 275 6.19 -2.99 -12.56
CA LEU A 275 5.87 -3.69 -13.82
C LEU A 275 5.84 -5.15 -13.40
N PRO A 276 5.31 -6.07 -14.20
CA PRO A 276 5.19 -7.47 -13.76
C PRO A 276 6.47 -8.03 -13.10
N TYR A 277 6.42 -8.31 -11.81
CA TYR A 277 7.55 -8.96 -11.11
C TYR A 277 8.77 -8.05 -11.04
N LEU A 278 8.60 -6.78 -11.36
CA LEU A 278 9.74 -5.85 -11.35
C LEU A 278 9.31 -4.60 -10.61
N GLN A 279 10.09 -4.20 -9.62
CA GLN A 279 9.77 -3.01 -8.82
C GLN A 279 10.95 -2.05 -8.81
N GLY A 280 10.71 -0.79 -9.13
CA GLY A 280 11.74 0.24 -9.08
C GLY A 280 11.37 1.33 -8.13
N GLN A 281 12.19 1.56 -7.12
CA GLN A 281 11.89 2.52 -6.08
C GLN A 281 12.94 3.62 -6.00
N VAL A 282 12.49 4.87 -5.85
CA VAL A 282 13.36 5.96 -5.43
C VAL A 282 12.70 6.72 -4.29
N THR A 283 13.53 7.34 -3.44
CA THR A 283 13.08 8.07 -2.28
C THR A 283 13.52 9.52 -2.33
N LEU A 284 12.73 10.37 -1.67
CA LEU A 284 12.88 11.83 -1.65
C LEU A 284 12.68 12.28 -0.21
N GLU A 285 13.48 13.28 0.22
CA GLU A 285 13.33 13.89 1.54
C GLU A 285 12.70 15.27 1.37
N LEU A 286 11.40 15.35 1.67
CA LEU A 286 10.67 16.60 1.60
C LEU A 286 10.86 17.33 2.91
N ALA A 287 11.37 18.57 2.84
CA ALA A 287 11.54 19.42 4.01
C ALA A 287 10.59 20.61 3.91
N VAL A 288 9.84 20.86 4.99
CA VAL A 288 8.95 22.00 5.09
C VAL A 288 9.65 23.04 5.94
N TYR A 289 9.47 24.32 5.60
CA TYR A 289 10.12 25.46 6.30
C TYR A 289 9.26 26.72 6.23
N LYS A 290 9.43 27.59 7.23
CA LYS A 290 8.81 28.89 7.28
C LYS A 290 9.78 29.75 8.09
N PRO A 291 10.36 30.82 7.49
CA PRO A 291 11.39 31.60 8.17
C PRO A 291 10.86 32.39 9.36
N PRO A 292 11.66 32.49 10.44
CA PRO A 292 11.24 33.19 11.65
C PRO A 292 11.41 34.71 11.57
N LYS A 293 10.36 35.42 11.96
CA LYS A 293 10.41 36.89 12.05
C LYS A 293 10.78 37.19 13.48
N VAL A 294 11.63 38.19 13.69
CA VAL A 294 12.13 38.46 15.04
C VAL A 294 11.85 39.90 15.46
N SER A 295 11.50 40.08 16.74
CA SER A 295 11.27 41.40 17.34
C SER A 295 11.78 41.42 18.77
N LEU A 296 12.11 42.62 19.26
CA LEU A 296 12.70 42.82 20.57
C LEU A 296 11.98 43.91 21.33
N MET A 297 11.51 43.58 22.53
CA MET A 297 10.82 44.53 23.39
C MET A 297 11.21 44.26 24.84
N PRO A 298 11.05 45.26 25.75
CA PRO A 298 11.25 45.02 27.18
C PRO A 298 10.14 44.11 27.73
N ALA A 299 10.52 42.95 28.28
CA ALA A 299 9.52 41.98 28.79
C ALA A 299 8.55 42.69 29.75
N THR A 300 9.06 43.23 30.83
CA THR A 300 8.15 43.86 31.81
C THR A 300 7.46 45.06 31.17
N LEU A 301 6.39 45.57 31.79
CA LEU A 301 5.66 46.74 31.25
C LEU A 301 6.52 47.99 31.42
N ALA A 302 7.41 48.26 30.48
CA ALA A 302 8.34 49.41 30.61
C ALA A 302 8.90 49.42 32.04
N ARG A 303 9.47 48.29 32.47
CA ARG A 303 10.08 48.21 33.82
C ARG A 303 10.88 49.50 34.10
N ALA A 309 19.20 48.42 37.46
CA ALA A 309 18.53 47.14 37.18
C ALA A 309 17.79 47.33 35.87
N PRO A 310 18.42 47.08 34.70
CA PRO A 310 17.77 47.27 33.40
C PRO A 310 16.59 46.32 33.25
N PRO A 311 15.54 46.69 32.48
CA PRO A 311 14.39 45.82 32.26
C PRO A 311 14.78 44.53 31.52
N GLU A 312 14.06 43.45 31.80
CA GLU A 312 14.29 42.17 31.15
C GLU A 312 13.90 42.32 29.68
N LEU A 313 14.70 41.74 28.79
CA LEU A 313 14.44 41.93 27.36
C LEU A 313 13.91 40.64 26.75
N LEU A 314 12.91 40.75 25.87
CA LEU A 314 12.27 39.56 25.30
C LEU A 314 12.45 39.54 23.80
N CYS A 315 13.27 38.60 23.31
CA CYS A 315 13.44 38.42 21.88
C CYS A 315 12.38 37.43 21.41
N LEU A 316 11.31 37.95 20.79
CA LEU A 316 10.22 37.14 20.27
C LEU A 316 10.55 36.66 18.86
N VAL A 317 10.54 35.33 18.69
CA VAL A 317 10.85 34.66 17.45
C VAL A 317 9.56 33.94 17.06
N SER A 318 8.89 34.45 16.03
CA SER A 318 7.51 34.05 15.77
C SER A 318 7.28 33.33 14.43
N HIS A 319 6.40 32.33 14.48
CA HIS A 319 5.82 31.63 13.33
C HIS A 319 6.85 31.07 12.37
N PHE A 320 7.64 30.12 12.86
CA PHE A 320 8.65 29.46 12.05
C PHE A 320 8.53 27.96 12.10
N TYR A 321 9.09 27.30 11.09
CA TYR A 321 9.24 25.81 11.04
C TYR A 321 10.51 25.47 10.26
N PRO A 322 11.26 24.40 10.61
CA PRO A 322 11.01 23.59 11.81
C PRO A 322 11.43 24.23 13.14
N SER A 323 11.12 23.57 14.26
CA SER A 323 11.37 24.12 15.59
C SER A 323 12.85 24.01 15.99
N GLY A 324 13.51 23.01 15.44
CA GLY A 324 14.93 22.84 15.73
C GLY A 324 15.78 23.75 14.89
N GLY A 325 16.95 24.08 15.39
CA GLY A 325 17.88 24.88 14.60
C GLY A 325 17.89 26.32 15.00
N LEU A 326 17.00 26.73 15.90
CA LEU A 326 16.93 28.16 16.21
C LEU A 326 18.01 28.45 17.24
N GLU A 327 18.85 29.41 16.92
CA GLU A 327 19.89 29.83 17.86
C GLU A 327 19.64 31.30 18.14
N VAL A 328 19.54 31.66 19.41
CA VAL A 328 19.29 33.05 19.82
C VAL A 328 20.58 33.66 20.36
N GLU A 329 21.18 34.57 19.60
CA GLU A 329 22.38 35.29 20.02
C GLU A 329 21.99 36.67 20.54
N TRP A 330 22.60 37.06 21.66
CA TRP A 330 22.43 38.38 22.24
C TRP A 330 23.70 39.21 22.05
N GLU A 331 23.54 40.44 21.55
CA GLU A 331 24.65 41.35 21.35
C GLU A 331 24.29 42.76 21.83
N LEU A 332 25.25 43.43 22.49
CA LEU A 332 25.17 44.84 22.81
C LEU A 332 25.94 45.60 21.74
N ARG A 333 25.20 46.25 20.85
CA ARG A 333 25.77 47.03 19.71
C ARG A 333 26.25 48.39 20.24
N GLY A 334 27.50 48.74 19.97
CA GLY A 334 28.08 50.01 20.38
C GLY A 334 27.58 51.12 19.50
N GLY A 335 27.61 52.35 20.02
CA GLY A 335 27.22 53.54 19.30
C GLY A 335 28.29 53.96 18.30
N PRO A 336 28.37 55.26 17.93
CA PRO A 336 29.46 55.78 17.11
C PRO A 336 30.83 55.48 17.72
N GLY A 337 31.75 54.89 16.94
CA GLY A 337 33.08 54.52 17.39
C GLY A 337 33.12 53.09 17.88
N GLY A 338 32.32 52.80 18.91
CA GLY A 338 32.17 51.47 19.47
C GLY A 338 31.65 50.46 18.45
N ARG A 339 31.60 49.19 18.90
CA ARG A 339 31.22 48.06 18.01
C ARG A 339 30.36 47.05 18.75
N SER A 340 29.89 46.01 18.08
CA SER A 340 29.13 44.93 18.71
C SER A 340 30.03 44.08 19.63
N GLN A 341 29.46 43.68 20.78
CA GLN A 341 30.04 42.69 21.68
C GLN A 341 28.90 41.79 22.15
N LYS A 342 29.22 40.52 22.42
CA LYS A 342 28.28 39.61 23.06
C LYS A 342 27.80 40.24 24.37
N ALA A 343 26.48 40.41 24.50
CA ALA A 343 25.88 41.03 25.67
C ALA A 343 26.09 40.15 26.90
N GLU A 344 26.15 40.79 28.08
CA GLU A 344 26.30 40.07 29.34
C GLU A 344 24.98 39.98 30.09
N GLY A 345 24.94 39.08 31.08
CA GLY A 345 23.79 38.86 31.92
C GLY A 345 23.12 37.53 31.63
N GLN A 346 22.23 37.14 32.54
CA GLN A 346 21.55 35.85 32.41
C GLN A 346 20.61 35.82 31.21
N ARG A 347 20.64 34.72 30.50
CA ARG A 347 19.77 34.48 29.32
C ARG A 347 19.13 33.10 29.42
N TRP A 348 17.91 32.96 28.89
CA TRP A 348 17.21 31.70 28.84
C TRP A 348 16.17 31.72 27.71
N LEU A 349 15.42 30.62 27.60
CA LEU A 349 14.36 30.47 26.60
C LEU A 349 13.00 30.20 27.24
N SER A 350 11.95 30.46 26.47
CA SER A 350 10.61 30.02 26.80
C SER A 350 10.44 28.59 26.33
N ALA A 351 9.28 28.00 26.60
CA ALA A 351 8.87 26.75 25.97
C ALA A 351 8.39 27.09 24.58
N LEU A 352 8.22 26.06 23.73
CA LEU A 352 7.68 26.24 22.39
C LEU A 352 6.19 26.54 22.48
N ARG A 353 5.73 27.39 21.59
CA ARG A 353 4.29 27.65 21.51
C ARG A 353 3.88 27.23 20.10
N HIS A 354 2.74 26.57 19.95
CA HIS A 354 2.37 26.02 18.63
C HIS A 354 1.19 26.76 18.02
N HIS A 355 1.13 26.79 16.69
CA HIS A 355 0.05 27.49 15.97
C HIS A 355 -0.79 26.51 15.17
N SER A 356 -1.77 27.04 14.45
CA SER A 356 -2.71 26.25 13.65
C SER A 356 -2.09 25.62 12.42
N ASP A 357 -1.17 26.34 11.77
CA ASP A 357 -0.51 25.88 10.53
C ASP A 357 0.60 24.85 10.78
N GLY A 358 0.97 24.64 12.05
CA GLY A 358 2.02 23.71 12.44
C GLY A 358 3.35 24.41 12.74
N SER A 359 3.42 25.71 12.46
CA SER A 359 4.57 26.54 12.83
C SER A 359 4.61 26.74 14.34
N VAL A 360 5.78 27.18 14.82
CA VAL A 360 5.99 27.47 16.24
C VAL A 360 6.44 28.91 16.44
N SER A 361 6.39 29.35 17.70
CA SER A 361 7.01 30.58 18.14
C SER A 361 7.69 30.27 19.46
N LEU A 362 8.79 30.96 19.74
CA LEU A 362 9.39 30.98 21.07
C LEU A 362 9.98 32.35 21.34
N SER A 363 10.25 32.61 22.62
CA SER A 363 10.91 33.84 23.02
C SER A 363 12.19 33.55 23.79
N GLY A 364 13.25 34.30 23.44
CA GLY A 364 14.48 34.36 24.20
C GLY A 364 14.37 35.47 25.23
N HIS A 365 15.14 35.36 26.31
CA HIS A 365 15.08 36.29 27.44
C HIS A 365 16.47 36.71 27.89
N LEU A 366 16.70 38.02 28.02
CA LEU A 366 17.93 38.56 28.57
C LEU A 366 17.65 39.48 29.75
N GLN A 367 18.33 39.23 30.87
CA GLN A 367 18.38 40.17 31.98
C GLN A 367 19.77 40.82 32.01
N PRO A 368 19.94 42.02 31.41
CA PRO A 368 21.20 42.76 31.49
C PRO A 368 21.59 43.09 32.92
N PRO A 369 22.90 43.22 33.22
CA PRO A 369 23.35 43.61 34.56
C PRO A 369 23.15 45.11 34.81
N PRO A 370 23.19 45.59 36.07
CA PRO A 370 23.04 47.00 36.37
C PRO A 370 24.05 47.85 35.58
N VAL A 371 23.56 48.74 34.72
CA VAL A 371 24.46 49.62 33.91
C VAL A 371 25.38 50.37 34.86
N THR A 372 26.70 50.26 34.66
CA THR A 372 27.66 50.96 35.51
C THR A 372 28.58 51.90 34.70
N THR A 373 28.07 52.39 33.56
CA THR A 373 28.90 53.26 32.70
C THR A 373 28.05 53.86 31.58
N GLU A 374 28.41 55.05 31.11
CA GLU A 374 27.67 55.67 29.97
C GLU A 374 27.96 54.83 28.72
N GLN A 375 27.03 54.83 27.77
CA GLN A 375 27.21 54.07 26.51
C GLN A 375 26.36 54.72 25.42
N HIS A 376 26.79 55.88 24.92
CA HIS A 376 25.99 56.62 23.92
C HIS A 376 25.82 55.76 22.66
N GLY A 377 24.58 55.59 22.20
CA GLY A 377 24.31 54.81 20.98
C GLY A 377 24.32 53.32 21.26
N ALA A 378 24.54 52.94 22.51
CA ALA A 378 24.64 51.52 22.83
C ALA A 378 23.23 50.93 22.85
N ARG A 379 22.93 50.09 21.88
CA ARG A 379 21.59 49.49 21.79
C ARG A 379 21.73 47.99 21.97
N TYR A 380 20.75 47.37 22.59
CA TYR A 380 20.74 45.89 22.71
C TYR A 380 20.03 45.32 21.50
N ALA A 381 20.49 44.17 21.00
CA ALA A 381 19.88 43.51 19.86
C ALA A 381 19.98 42.00 20.03
N CYS A 382 18.97 41.27 19.54
CA CYS A 382 19.04 39.83 19.42
C CYS A 382 19.15 39.47 17.95
N ARG A 383 19.99 38.47 17.67
CA ARG A 383 20.20 37.89 16.32
C ARG A 383 19.79 36.42 16.37
N ILE A 384 18.99 35.96 15.41
CA ILE A 384 18.63 34.55 15.31
C ILE A 384 19.20 33.95 14.05
N HIS A 385 19.55 32.66 14.15
CA HIS A 385 19.98 31.84 13.03
C HIS A 385 19.05 30.63 12.97
N HIS A 386 18.80 30.14 11.76
CA HIS A 386 17.85 29.04 11.51
C HIS A 386 18.04 28.61 10.06
N PRO A 387 17.92 27.30 9.73
CA PRO A 387 18.15 26.82 8.36
C PRO A 387 17.32 27.52 7.28
N SER A 388 16.14 28.04 7.63
CA SER A 388 15.31 28.82 6.72
C SER A 388 15.91 30.18 6.32
N LEU A 389 16.89 30.67 7.10
CA LEU A 389 17.45 32.00 6.94
C LEU A 389 18.79 31.98 6.21
N PRO A 390 19.27 33.14 5.71
CA PRO A 390 20.67 33.30 5.31
C PRO A 390 21.65 33.07 6.46
N ALA A 391 22.93 32.88 6.14
CA ALA A 391 23.98 32.65 7.12
C ALA A 391 24.05 33.80 8.14
N SER A 392 23.83 35.03 7.67
CA SER A 392 23.88 36.23 8.50
C SER A 392 22.74 36.31 9.51
N GLY A 393 21.66 35.57 9.24
CA GLY A 393 20.52 35.51 10.13
C GLY A 393 19.66 36.76 10.05
N ARG A 394 18.78 36.92 11.02
CA ARG A 394 17.91 38.12 11.19
C ARG A 394 18.09 38.66 12.61
N SER A 395 17.85 39.97 12.80
CA SER A 395 18.05 40.62 14.08
C SER A 395 17.08 41.76 14.30
N ALA A 396 17.02 42.23 15.54
CA ALA A 396 16.16 43.34 15.94
C ALA A 396 16.76 44.06 17.13
N GLU A 397 16.69 45.39 17.10
CA GLU A 397 17.01 46.23 18.24
C GLU A 397 15.72 46.66 18.91
N VAL A 398 15.80 47.01 20.18
CA VAL A 398 14.58 47.38 20.95
C VAL A 398 14.01 48.65 20.32
N THR A 399 12.72 48.64 20.02
CA THR A 399 12.09 49.78 19.31
C THR A 399 12.03 50.98 20.26
N LEU A 400 12.83 52.01 19.97
CA LEU A 400 12.91 53.20 20.85
C LEU A 400 11.73 54.12 20.51
N GLU A 401 10.49 53.61 20.66
CA GLU A 401 9.29 54.42 20.34
C GLU A 401 9.17 55.57 21.35
N SER B 25 9.07 -42.15 -4.48
CA SER B 25 10.12 -41.68 -3.55
C SER B 25 10.64 -40.32 -4.02
N ASP B 26 11.19 -40.30 -5.24
CA ASP B 26 11.83 -39.12 -5.80
C ASP B 26 11.17 -38.65 -7.09
N VAL B 27 11.34 -37.37 -7.36
CA VAL B 27 11.03 -36.78 -8.64
C VAL B 27 12.20 -37.12 -9.56
N LEU B 28 11.90 -37.46 -10.82
CA LEU B 28 12.91 -37.76 -11.83
C LEU B 28 13.47 -36.45 -12.39
N GLU B 29 14.80 -36.35 -12.45
CA GLU B 29 15.49 -35.16 -12.95
C GLU B 29 15.76 -35.30 -14.44
N LEU B 30 14.91 -34.66 -15.25
CA LEU B 30 15.05 -34.76 -16.72
C LEU B 30 15.82 -33.55 -17.26
N THR B 31 16.69 -33.78 -18.24
CA THR B 31 17.50 -32.68 -18.83
C THR B 31 17.38 -32.69 -20.36
N ASP B 32 17.94 -31.69 -21.03
CA ASP B 32 17.94 -31.66 -22.51
C ASP B 32 18.64 -32.92 -23.02
N ASP B 33 19.41 -33.58 -22.16
CA ASP B 33 20.21 -34.75 -22.58
C ASP B 33 19.37 -36.04 -22.54
N ASN B 34 18.45 -36.15 -21.58
CA ASN B 34 17.69 -37.42 -21.41
C ASN B 34 16.19 -37.15 -21.24
N PHE B 35 15.58 -36.37 -22.15
CA PHE B 35 14.11 -36.16 -22.09
C PHE B 35 13.44 -37.10 -23.09
N GLU B 36 13.76 -36.93 -24.39
CA GLU B 36 13.20 -37.81 -25.44
C GLU B 36 13.34 -39.29 -25.04
N SER B 37 14.50 -39.67 -24.51
CA SER B 37 14.76 -41.09 -24.16
C SER B 37 13.79 -41.54 -23.05
N ARG B 38 13.89 -40.93 -21.88
CA ARG B 38 13.04 -41.35 -20.71
C ARG B 38 11.58 -40.93 -20.79
N ILE B 39 11.15 -40.18 -21.80
CA ILE B 39 9.72 -39.74 -21.79
C ILE B 39 8.87 -40.95 -22.16
N SER B 40 9.48 -41.92 -22.85
CA SER B 40 8.71 -43.10 -23.33
C SER B 40 8.55 -44.13 -22.21
N ASP B 41 9.60 -44.38 -21.44
CA ASP B 41 9.50 -45.46 -20.44
C ASP B 41 8.55 -45.10 -19.28
N THR B 42 7.38 -45.74 -19.32
CA THR B 42 6.27 -45.49 -18.44
C THR B 42 5.79 -46.82 -17.90
N GLY B 46 0.44 -45.33 -19.15
CA GLY B 46 1.71 -45.00 -19.85
C GLY B 46 1.92 -43.49 -19.91
N LEU B 47 1.66 -42.79 -18.80
CA LEU B 47 1.79 -41.31 -18.79
C LEU B 47 2.79 -40.86 -17.71
N MET B 48 3.20 -39.60 -17.74
CA MET B 48 4.09 -39.05 -16.69
C MET B 48 3.76 -37.57 -16.47
N LEU B 49 3.74 -37.12 -15.22
CA LEU B 49 3.54 -35.67 -14.92
C LEU B 49 4.91 -35.01 -14.95
N VAL B 50 5.10 -34.08 -15.87
CA VAL B 50 6.40 -33.36 -16.00
C VAL B 50 6.25 -31.89 -15.60
N GLU B 51 6.91 -31.47 -14.51
CA GLU B 51 6.92 -30.07 -14.06
C GLU B 51 8.09 -29.31 -14.64
N PHE B 52 7.80 -28.41 -15.58
CA PHE B 52 8.78 -27.43 -16.07
C PHE B 52 8.78 -26.27 -15.09
N PHE B 53 9.98 -25.84 -14.67
CA PHE B 53 10.14 -24.79 -13.67
C PHE B 53 11.49 -24.08 -13.75
N ALA B 54 11.66 -23.05 -12.91
CA ALA B 54 12.94 -22.42 -12.64
C ALA B 54 13.09 -22.25 -11.13
N PRO B 55 14.30 -22.49 -10.56
CA PRO B 55 14.48 -22.44 -9.11
C PRO B 55 14.08 -21.12 -8.45
N TRP B 56 14.06 -20.04 -9.24
CA TRP B 56 13.77 -18.67 -8.74
C TRP B 56 12.28 -18.42 -8.58
N CYS B 57 11.46 -19.17 -9.33
CA CYS B 57 9.98 -18.98 -9.29
C CYS B 57 9.45 -19.37 -7.91
N GLY B 58 8.79 -18.44 -7.23
CA GLY B 58 8.28 -18.74 -5.89
C GLY B 58 7.15 -19.72 -6.00
N HIS B 59 6.39 -19.60 -7.07
CA HIS B 59 5.35 -20.61 -7.21
C HIS B 59 5.94 -22.01 -7.27
N ALA B 60 7.11 -22.13 -7.90
CA ALA B 60 7.85 -23.40 -7.96
C ALA B 60 8.40 -23.79 -6.59
N LYS B 61 8.90 -22.79 -5.84
CA LYS B 61 9.51 -23.02 -4.54
C LYS B 61 8.56 -23.66 -3.52
N ARG B 62 7.30 -23.27 -3.59
CA ARG B 62 6.29 -23.81 -2.64
C ARG B 62 5.75 -25.12 -3.19
N LEU B 63 5.72 -25.27 -4.51
CA LEU B 63 5.30 -26.53 -5.14
C LEU B 63 6.24 -27.68 -4.79
N ALA B 64 7.53 -27.35 -4.68
CA ALA B 64 8.60 -28.33 -4.46
C ALA B 64 8.24 -29.46 -3.48
N PRO B 65 7.90 -29.16 -2.20
CA PRO B 65 7.57 -30.20 -1.23
C PRO B 65 6.25 -30.92 -1.49
N GLU B 66 5.26 -30.22 -2.05
CA GLU B 66 3.96 -30.80 -2.44
C GLU B 66 4.11 -31.81 -3.58
N TYR B 67 5.00 -31.52 -4.52
CA TYR B 67 5.35 -32.36 -5.70
C TYR B 67 6.16 -33.58 -5.26
N GLU B 68 7.05 -33.41 -4.27
CA GLU B 68 7.82 -34.51 -3.69
C GLU B 68 6.93 -35.43 -2.84
N ALA B 69 5.94 -34.84 -2.16
CA ALA B 69 4.93 -35.57 -1.39
C ALA B 69 4.03 -36.39 -2.32
N ALA B 70 3.67 -35.80 -3.47
CA ALA B 70 2.88 -36.46 -4.50
C ALA B 70 3.64 -37.66 -5.08
N ALA B 71 4.89 -37.41 -5.51
CA ALA B 71 5.74 -38.43 -6.11
C ALA B 71 5.85 -39.70 -5.25
N THR B 72 6.07 -39.52 -3.94
CA THR B 72 6.21 -40.60 -2.97
C THR B 72 4.94 -41.46 -2.84
N ARG B 73 3.80 -40.78 -2.87
CA ARG B 73 2.49 -41.46 -2.69
C ARG B 73 2.04 -42.08 -4.01
N LEU B 74 2.49 -41.53 -5.14
CA LEU B 74 2.10 -42.06 -6.47
C LEU B 74 3.30 -42.82 -7.07
N LYS B 75 4.26 -43.21 -6.22
CA LYS B 75 5.48 -43.89 -6.72
C LYS B 75 5.10 -45.14 -7.51
N GLY B 76 4.29 -46.03 -6.91
CA GLY B 76 3.94 -47.30 -7.58
C GLY B 76 2.90 -47.13 -8.68
N ILE B 77 2.62 -45.88 -9.08
CA ILE B 77 1.54 -45.66 -10.10
C ILE B 77 2.07 -44.85 -11.29
N VAL B 78 2.28 -43.55 -11.11
CA VAL B 78 2.77 -42.67 -12.22
C VAL B 78 4.07 -42.00 -11.80
N PRO B 79 5.04 -41.76 -12.70
CA PRO B 79 6.26 -41.06 -12.33
C PRO B 79 6.11 -39.54 -12.47
N LEU B 80 6.65 -38.78 -11.51
CA LEU B 80 6.63 -37.32 -11.59
C LEU B 80 8.03 -36.85 -11.94
N ALA B 81 8.14 -36.04 -13.00
CA ALA B 81 9.41 -35.51 -13.48
C ALA B 81 9.41 -33.98 -13.28
N LYS B 82 10.63 -33.43 -13.24
CA LYS B 82 10.83 -31.97 -13.13
C LYS B 82 11.97 -31.57 -14.07
N VAL B 83 11.85 -30.43 -14.75
CA VAL B 83 12.83 -29.92 -15.71
C VAL B 83 13.16 -28.48 -15.33
N ASP B 84 14.40 -28.26 -14.87
CA ASP B 84 14.93 -26.92 -14.64
C ASP B 84 15.26 -26.33 -16.01
N CYS B 85 14.53 -25.28 -16.37
CA CYS B 85 14.52 -24.73 -17.72
C CYS B 85 15.66 -23.76 -18.01
N THR B 86 16.24 -23.19 -16.95
CA THR B 86 17.41 -22.33 -17.08
C THR B 86 18.56 -23.14 -17.68
N ALA B 87 18.70 -24.39 -17.24
CA ALA B 87 19.70 -25.33 -17.75
C ALA B 87 19.27 -25.93 -19.09
N ASN B 88 18.05 -26.48 -19.12
CA ASN B 88 17.57 -27.31 -20.22
C ASN B 88 16.59 -26.55 -21.12
N THR B 89 17.13 -25.59 -21.87
CA THR B 89 16.34 -24.65 -22.66
C THR B 89 15.58 -25.28 -23.85
N ASN B 90 16.17 -26.34 -24.44
CA ASN B 90 15.63 -26.98 -25.65
C ASN B 90 14.35 -27.75 -25.39
N THR B 91 14.41 -28.71 -24.46
CA THR B 91 13.26 -29.48 -24.01
C THR B 91 12.16 -28.56 -23.46
N CYS B 92 12.56 -27.48 -22.78
CA CYS B 92 11.63 -26.55 -22.17
C CYS B 92 10.90 -25.73 -23.24
N ASN B 93 11.60 -25.40 -24.33
CA ASN B 93 10.97 -24.66 -25.44
C ASN B 93 10.22 -25.65 -26.30
N LYS B 94 10.67 -26.90 -26.29
CA LYS B 94 10.06 -27.94 -27.16
C LYS B 94 8.56 -27.99 -26.85
N TYR B 95 8.18 -27.75 -25.61
CA TYR B 95 6.75 -27.92 -25.26
C TYR B 95 6.14 -26.56 -24.96
N GLY B 96 6.73 -25.50 -25.51
CA GLY B 96 6.16 -24.15 -25.36
C GLY B 96 5.91 -23.72 -23.93
N VAL B 97 6.97 -23.62 -23.14
CA VAL B 97 6.81 -23.12 -21.75
C VAL B 97 7.06 -21.61 -21.75
N SER B 98 6.13 -20.86 -21.20
CA SER B 98 6.26 -19.38 -21.11
C SER B 98 6.37 -18.98 -19.65
N GLY B 99 5.77 -19.75 -18.76
CA GLY B 99 5.83 -19.49 -17.33
C GLY B 99 6.07 -20.74 -16.50
N TYR B 100 6.29 -20.54 -15.20
CA TYR B 100 6.63 -21.59 -14.21
C TYR B 100 5.72 -21.50 -13.00
N PRO B 101 5.28 -22.64 -12.40
CA PRO B 101 5.51 -23.97 -12.94
C PRO B 101 4.48 -24.34 -14.02
N THR B 102 4.92 -24.99 -15.09
CA THR B 102 4.02 -25.61 -16.05
C THR B 102 4.06 -27.12 -15.81
N LEU B 103 2.89 -27.73 -15.64
CA LEU B 103 2.77 -29.18 -15.43
C LEU B 103 2.00 -29.81 -16.57
N LYS B 104 2.63 -30.71 -17.30
CA LYS B 104 1.98 -31.33 -18.47
C LYS B 104 1.99 -32.86 -18.36
N ILE B 105 0.91 -33.52 -18.79
CA ILE B 105 0.77 -34.99 -18.75
C ILE B 105 1.31 -35.52 -20.06
N PHE B 106 2.25 -36.45 -19.98
CA PHE B 106 2.84 -37.04 -21.19
C PHE B 106 2.50 -38.53 -21.17
N ARG B 107 1.58 -38.96 -22.03
CA ARG B 107 1.26 -40.41 -22.14
C ARG B 107 1.79 -40.88 -23.49
N ASP B 108 2.57 -41.95 -23.46
CA ASP B 108 3.20 -42.38 -24.73
C ASP B 108 4.12 -41.25 -25.20
N GLY B 109 4.85 -40.63 -24.28
CA GLY B 109 5.85 -39.62 -24.67
C GLY B 109 5.31 -38.61 -25.65
N GLU B 110 4.08 -38.12 -25.43
CA GLU B 110 3.50 -37.07 -26.31
C GLU B 110 2.69 -36.09 -25.46
N GLU B 111 2.72 -34.79 -25.80
CA GLU B 111 1.87 -33.85 -25.04
C GLU B 111 0.42 -34.34 -24.99
N ALA B 112 -0.10 -34.49 -23.77
CA ALA B 112 -1.47 -34.94 -23.53
C ALA B 112 -2.22 -33.99 -22.59
N GLY B 113 -2.04 -32.68 -22.82
CA GLY B 113 -2.70 -31.63 -22.06
C GLY B 113 -1.99 -31.31 -20.76
N ALA B 114 -2.19 -30.08 -20.27
CA ALA B 114 -1.60 -29.59 -19.03
C ALA B 114 -2.43 -29.99 -17.82
N TYR B 115 -1.88 -29.77 -16.63
CA TYR B 115 -2.58 -29.90 -15.32
C TYR B 115 -2.80 -28.50 -14.70
N ASP B 116 -4.07 -28.10 -14.57
CA ASP B 116 -4.44 -26.76 -14.08
C ASP B 116 -5.13 -26.78 -12.72
N GLY B 117 -5.07 -27.93 -12.03
CA GLY B 117 -5.61 -28.07 -10.70
C GLY B 117 -4.72 -27.34 -9.68
N PRO B 118 -5.02 -27.43 -8.37
CA PRO B 118 -4.24 -26.73 -7.36
C PRO B 118 -2.86 -27.39 -7.18
N ARG B 119 -1.84 -26.56 -6.88
CA ARG B 119 -0.44 -27.06 -6.72
C ARG B 119 -0.27 -27.71 -5.35
N THR B 120 -1.08 -28.72 -5.06
CA THR B 120 -1.02 -29.46 -3.77
C THR B 120 -0.90 -30.95 -4.05
N ALA B 121 -0.31 -31.70 -3.11
CA ALA B 121 -0.13 -33.15 -3.22
C ALA B 121 -1.48 -33.86 -3.40
N ASP B 122 -2.49 -33.44 -2.64
CA ASP B 122 -3.85 -33.99 -2.73
C ASP B 122 -4.46 -33.81 -4.12
N GLY B 123 -4.24 -32.62 -4.70
CA GLY B 123 -4.73 -32.29 -6.03
C GLY B 123 -4.08 -33.13 -7.12
N ILE B 124 -2.75 -33.20 -7.07
CA ILE B 124 -1.94 -33.89 -8.08
C ILE B 124 -2.20 -35.40 -8.14
N VAL B 125 -2.22 -36.07 -6.97
CA VAL B 125 -2.46 -37.51 -6.90
C VAL B 125 -3.90 -37.87 -7.29
N SER B 126 -4.85 -37.01 -6.93
CA SER B 126 -6.26 -37.14 -7.32
C SER B 126 -6.39 -37.17 -8.84
N HIS B 127 -5.83 -36.15 -9.50
CA HIS B 127 -5.92 -35.98 -10.95
C HIS B 127 -5.24 -37.10 -11.74
N LEU B 128 -3.99 -37.44 -11.37
CA LEU B 128 -3.25 -38.44 -12.17
C LEU B 128 -3.92 -39.82 -12.03
N LYS B 129 -4.55 -40.08 -10.88
CA LYS B 129 -5.28 -41.37 -10.70
C LYS B 129 -6.28 -41.49 -11.86
N LYS B 130 -7.20 -40.54 -11.97
CA LYS B 130 -8.18 -40.55 -13.08
C LYS B 130 -7.42 -40.74 -14.40
N GLN B 131 -6.36 -39.97 -14.62
CA GLN B 131 -5.63 -40.07 -15.89
C GLN B 131 -4.94 -41.41 -16.09
N ALA B 132 -4.63 -42.12 -14.99
CA ALA B 132 -3.93 -43.41 -15.02
C ALA B 132 -4.73 -44.47 -15.76
N GLY B 133 -6.02 -44.59 -15.42
CA GLY B 133 -6.90 -45.60 -15.95
C GLY B 133 -7.09 -45.55 -17.45
N PRO B 134 -7.87 -46.48 -18.05
CA PRO B 134 -8.09 -46.50 -19.49
C PRO B 134 -9.07 -45.40 -19.91
N ALA B 135 -8.93 -44.91 -21.15
CA ALA B 135 -9.80 -43.87 -21.71
C ALA B 135 -11.26 -44.28 -21.65
N SER B 136 -11.52 -45.57 -21.89
CA SER B 136 -12.86 -46.15 -21.84
C SER B 136 -12.85 -47.36 -20.92
N VAL B 137 -13.71 -47.32 -19.90
CA VAL B 137 -13.80 -48.38 -18.91
C VAL B 137 -14.54 -49.58 -19.49
N PRO B 138 -13.94 -50.79 -19.49
CA PRO B 138 -14.65 -51.99 -19.92
C PRO B 138 -15.62 -52.46 -18.83
N LEU B 139 -16.90 -52.61 -19.19
CA LEU B 139 -17.94 -53.12 -18.31
C LEU B 139 -18.17 -54.59 -18.63
N ARG B 140 -17.73 -55.47 -17.74
CA ARG B 140 -17.75 -56.93 -18.03
C ARG B 140 -19.01 -57.58 -17.51
N THR B 141 -19.78 -56.87 -16.71
CA THR B 141 -21.07 -57.37 -16.27
C THR B 141 -22.15 -56.29 -16.26
N GLU B 142 -23.38 -56.71 -16.04
CA GLU B 142 -24.51 -55.75 -16.03
C GLU B 142 -24.39 -54.93 -14.76
N GLU B 143 -23.93 -55.56 -13.69
CA GLU B 143 -23.79 -54.87 -12.41
C GLU B 143 -22.81 -53.71 -12.52
N GLU B 144 -21.64 -53.97 -13.12
CA GLU B 144 -20.64 -52.95 -13.42
C GLU B 144 -21.23 -51.81 -14.24
N PHE B 145 -22.08 -52.15 -15.21
CA PHE B 145 -22.76 -51.18 -16.06
C PHE B 145 -23.65 -50.26 -15.21
N LYS B 146 -24.51 -50.87 -14.39
CA LYS B 146 -25.42 -50.12 -13.51
C LYS B 146 -24.67 -49.18 -12.58
N LYS B 147 -23.52 -49.64 -12.06
CA LYS B 147 -22.65 -48.85 -11.21
C LYS B 147 -22.13 -47.63 -11.96
N PHE B 148 -21.63 -47.86 -13.18
CA PHE B 148 -21.02 -46.82 -14.00
C PHE B 148 -21.97 -45.65 -14.33
N ILE B 149 -23.25 -45.96 -14.53
CA ILE B 149 -24.23 -44.94 -14.90
C ILE B 149 -24.92 -44.26 -13.70
N SER B 150 -24.67 -44.77 -12.49
CA SER B 150 -25.17 -44.16 -11.25
C SER B 150 -24.34 -42.95 -10.81
N ASP B 151 -23.44 -42.49 -11.69
CA ASP B 151 -22.58 -41.34 -11.45
C ASP B 151 -23.37 -40.03 -11.52
N LYS B 152 -22.87 -39.03 -10.78
CA LYS B 152 -23.45 -37.68 -10.79
C LYS B 152 -23.33 -37.01 -12.16
N ASP B 153 -22.39 -37.51 -12.96
CA ASP B 153 -22.20 -36.96 -14.31
C ASP B 153 -22.69 -37.96 -15.35
N ALA B 154 -22.72 -37.55 -16.62
CA ALA B 154 -23.23 -38.39 -17.69
C ALA B 154 -22.28 -39.53 -18.00
N SER B 155 -22.82 -40.57 -18.65
CA SER B 155 -22.07 -41.72 -19.13
C SER B 155 -22.25 -41.87 -20.64
N ILE B 156 -21.13 -42.08 -21.36
CA ILE B 156 -21.13 -42.42 -22.77
C ILE B 156 -20.68 -43.88 -22.88
N VAL B 157 -21.61 -44.76 -23.29
CA VAL B 157 -21.39 -46.20 -23.27
C VAL B 157 -21.49 -46.78 -24.68
N GLY B 158 -20.42 -47.46 -25.11
CA GLY B 158 -20.38 -48.14 -26.40
C GLY B 158 -20.78 -49.59 -26.23
N PHE B 159 -21.65 -50.07 -27.12
CA PHE B 159 -22.16 -51.43 -27.07
C PHE B 159 -21.72 -52.16 -28.33
N PHE B 160 -20.83 -53.15 -28.15
CA PHE B 160 -20.28 -53.93 -29.26
C PHE B 160 -20.29 -55.43 -28.96
N ASP B 161 -20.40 -56.22 -30.02
CA ASP B 161 -20.44 -57.68 -29.87
C ASP B 161 -19.05 -58.12 -29.43
N ASP B 162 -18.01 -57.54 -30.00
CA ASP B 162 -16.63 -57.81 -29.63
C ASP B 162 -15.75 -56.58 -29.92
N SER B 163 -14.43 -56.77 -29.95
CA SER B 163 -13.48 -55.69 -30.16
C SER B 163 -12.98 -55.54 -31.62
N PHE B 164 -13.55 -56.32 -32.54
CA PHE B 164 -13.01 -56.49 -33.89
C PHE B 164 -13.62 -55.60 -34.99
N SER B 165 -14.61 -54.78 -34.64
CA SER B 165 -15.19 -53.83 -35.59
C SER B 165 -14.30 -52.60 -35.69
N GLU B 166 -14.40 -51.89 -36.82
CA GLU B 166 -13.75 -50.60 -37.01
C GLU B 166 -14.50 -49.55 -36.16
N ALA B 167 -15.81 -49.77 -35.97
CA ALA B 167 -16.65 -48.96 -35.10
C ALA B 167 -16.13 -48.93 -33.66
N HIS B 168 -15.75 -50.10 -33.14
CA HIS B 168 -15.20 -50.21 -31.79
C HIS B 168 -13.89 -49.45 -31.70
N SER B 169 -13.10 -49.50 -32.78
CA SER B 169 -11.80 -48.84 -32.82
C SER B 169 -11.99 -47.32 -32.82
N GLU B 170 -13.01 -46.86 -33.55
CA GLU B 170 -13.37 -45.44 -33.60
C GLU B 170 -13.86 -44.94 -32.25
N PHE B 171 -14.62 -45.79 -31.53
CA PHE B 171 -15.12 -45.46 -30.21
C PHE B 171 -13.97 -45.27 -29.22
N LEU B 172 -12.98 -46.16 -29.27
CA LEU B 172 -11.79 -46.05 -28.43
C LEU B 172 -10.95 -44.82 -28.77
N LYS B 173 -10.92 -44.45 -30.07
CA LYS B 173 -10.19 -43.27 -30.53
C LYS B 173 -10.84 -41.99 -30.00
N ALA B 174 -12.17 -41.90 -30.12
CA ALA B 174 -12.96 -40.82 -29.56
C ALA B 174 -12.75 -40.73 -28.04
N ALA B 175 -12.78 -41.89 -27.38
CA ALA B 175 -12.69 -41.98 -25.93
C ALA B 175 -11.39 -41.41 -25.44
N SER B 176 -10.29 -41.72 -26.14
CA SER B 176 -8.98 -41.24 -25.77
C SER B 176 -8.88 -39.74 -26.01
N ASN B 177 -9.46 -39.28 -27.14
CA ASN B 177 -9.45 -37.86 -27.50
C ASN B 177 -10.18 -37.01 -26.47
N LEU B 178 -11.34 -37.47 -26.02
CA LEU B 178 -12.24 -36.69 -25.20
C LEU B 178 -12.32 -37.12 -23.72
N ARG B 179 -11.33 -37.90 -23.27
CA ARG B 179 -11.35 -38.54 -21.93
C ARG B 179 -11.27 -37.49 -20.82
N ASP B 180 -10.63 -36.35 -21.08
CA ASP B 180 -10.58 -35.23 -20.13
C ASP B 180 -11.95 -34.56 -19.90
N ASN B 181 -12.83 -34.63 -20.91
CA ASN B 181 -14.13 -33.95 -20.88
C ASN B 181 -15.35 -34.80 -20.48
N TYR B 182 -15.31 -36.10 -20.79
CA TYR B 182 -16.46 -37.02 -20.63
C TYR B 182 -16.01 -38.39 -20.12
N ARG B 183 -16.97 -39.11 -19.56
CA ARG B 183 -16.76 -40.48 -19.05
C ARG B 183 -17.20 -41.47 -20.12
N PHE B 184 -16.30 -42.35 -20.56
CA PHE B 184 -16.55 -43.36 -21.58
C PHE B 184 -16.52 -44.75 -20.97
N ALA B 185 -17.33 -45.64 -21.53
CA ALA B 185 -17.32 -47.05 -21.18
C ALA B 185 -17.78 -47.83 -22.37
N HIS B 186 -17.39 -49.11 -22.43
CA HIS B 186 -17.90 -50.02 -23.44
C HIS B 186 -18.11 -51.38 -22.81
N THR B 187 -19.01 -52.16 -23.41
CA THR B 187 -19.35 -53.49 -22.95
C THR B 187 -19.60 -54.42 -24.13
N ASN B 188 -19.32 -55.72 -23.90
CA ASN B 188 -19.67 -56.81 -24.80
C ASN B 188 -20.82 -57.66 -24.26
N VAL B 189 -21.27 -57.35 -23.04
CA VAL B 189 -22.26 -58.17 -22.35
C VAL B 189 -23.48 -58.29 -23.25
N GLU B 190 -23.83 -59.53 -23.60
CA GLU B 190 -24.83 -59.82 -24.61
C GLU B 190 -26.18 -59.20 -24.30
N SER B 191 -26.63 -59.32 -23.04
CA SER B 191 -27.90 -58.75 -22.60
C SER B 191 -27.94 -57.25 -22.90
N LEU B 192 -26.83 -56.57 -22.61
CA LEU B 192 -26.71 -55.12 -22.80
C LEU B 192 -26.64 -54.71 -24.26
N VAL B 193 -25.82 -55.41 -25.05
CA VAL B 193 -25.66 -55.09 -26.46
C VAL B 193 -27.02 -55.17 -27.19
N ASN B 194 -27.80 -56.21 -26.89
CA ASN B 194 -29.09 -56.40 -27.53
C ASN B 194 -30.20 -55.47 -27.05
N GLU B 195 -30.08 -54.90 -25.86
CA GLU B 195 -31.12 -53.98 -25.33
C GLU B 195 -30.88 -52.54 -25.77
N TYR B 196 -29.67 -52.19 -26.14
CA TYR B 196 -29.30 -50.79 -26.46
C TYR B 196 -28.80 -50.63 -27.91
N ASP B 197 -28.77 -51.70 -28.71
CA ASP B 197 -28.51 -51.60 -30.15
C ASP B 197 -29.15 -52.74 -30.94
N ASP B 198 -29.18 -52.58 -32.26
CA ASP B 198 -29.84 -53.51 -33.18
C ASP B 198 -28.89 -54.10 -34.25
N ASN B 199 -27.58 -53.90 -34.09
CA ASN B 199 -26.58 -54.51 -34.97
C ASN B 199 -25.20 -54.67 -34.33
N GLY B 200 -25.17 -54.87 -33.00
CA GLY B 200 -23.95 -54.99 -32.23
C GLY B 200 -22.94 -53.87 -32.38
N GLU B 201 -23.42 -52.66 -32.72
CA GLU B 201 -22.62 -51.43 -32.81
C GLU B 201 -23.51 -50.25 -32.43
N GLY B 202 -23.42 -49.82 -31.18
CA GLY B 202 -24.23 -48.73 -30.68
C GLY B 202 -23.52 -47.93 -29.62
N ILE B 203 -23.91 -46.66 -29.50
CA ILE B 203 -23.50 -45.78 -28.42
C ILE B 203 -24.77 -45.16 -27.84
N ILE B 204 -24.90 -45.23 -26.51
CA ILE B 204 -25.95 -44.56 -25.78
C ILE B 204 -25.32 -43.58 -24.80
N LEU B 205 -25.93 -42.39 -24.74
CA LEU B 205 -25.56 -41.35 -23.80
C LEU B 205 -26.59 -41.38 -22.68
N PHE B 206 -26.12 -41.65 -21.45
CA PHE B 206 -26.97 -41.67 -20.26
C PHE B 206 -26.73 -40.38 -19.48
N ARG B 207 -27.80 -39.61 -19.31
CA ARG B 207 -27.73 -38.35 -18.56
C ARG B 207 -27.90 -38.68 -17.08
N PRO B 208 -27.42 -37.85 -16.14
CA PRO B 208 -27.48 -38.18 -14.72
C PRO B 208 -28.90 -38.49 -14.23
N SER B 209 -29.02 -39.54 -13.41
CA SER B 209 -30.29 -40.07 -12.91
C SER B 209 -31.09 -39.05 -12.10
N HIS B 210 -30.37 -38.33 -11.23
CA HIS B 210 -30.98 -37.34 -10.33
C HIS B 210 -31.41 -36.05 -11.06
N LEU B 211 -31.07 -35.97 -12.35
CA LEU B 211 -31.41 -34.83 -13.21
C LEU B 211 -32.54 -35.11 -14.20
N THR B 212 -33.11 -36.32 -14.16
CA THR B 212 -34.19 -36.70 -15.09
C THR B 212 -35.41 -35.81 -14.87
N ASN B 213 -36.13 -35.52 -15.96
CA ASN B 213 -37.24 -34.59 -15.97
C ASN B 213 -38.17 -34.85 -17.15
N LYS B 214 -39.31 -34.18 -17.14
CA LYS B 214 -40.33 -34.34 -18.17
C LYS B 214 -40.04 -33.64 -19.50
N PHE B 215 -38.99 -32.81 -19.54
CA PHE B 215 -38.65 -31.99 -20.71
C PHE B 215 -37.71 -32.66 -21.70
N GLU B 216 -37.10 -33.79 -21.30
CA GLU B 216 -36.16 -34.51 -22.15
C GLU B 216 -35.99 -35.96 -21.70
N ASP B 217 -35.28 -36.75 -22.50
CA ASP B 217 -35.08 -38.17 -22.23
C ASP B 217 -33.85 -38.43 -21.39
N LYS B 218 -33.91 -39.48 -20.57
CA LYS B 218 -32.79 -39.94 -19.74
C LYS B 218 -31.60 -40.27 -20.63
N THR B 219 -31.87 -40.95 -21.74
CA THR B 219 -30.87 -41.47 -22.65
C THR B 219 -31.05 -40.93 -24.06
N VAL B 220 -29.95 -40.91 -24.81
CA VAL B 220 -29.96 -40.49 -26.21
C VAL B 220 -29.05 -41.43 -26.99
N ALA B 221 -29.58 -42.00 -28.07
CA ALA B 221 -28.83 -42.92 -28.93
C ALA B 221 -28.16 -42.19 -30.09
N TYR B 222 -26.94 -42.63 -30.41
CA TYR B 222 -26.19 -42.26 -31.64
C TYR B 222 -26.92 -42.87 -32.84
N THR B 223 -27.28 -42.05 -33.83
CA THR B 223 -28.13 -42.50 -34.95
C THR B 223 -27.50 -42.39 -36.35
N GLU B 224 -26.28 -41.89 -36.39
CA GLU B 224 -25.58 -41.88 -37.69
C GLU B 224 -25.40 -43.34 -38.08
N GLN B 225 -25.25 -43.60 -39.37
CA GLN B 225 -25.06 -44.99 -39.86
C GLN B 225 -23.62 -45.43 -39.57
N LYS B 226 -22.64 -44.56 -39.86
CA LYS B 226 -21.22 -44.94 -39.66
C LYS B 226 -20.75 -44.29 -38.36
N MET B 227 -19.89 -44.99 -37.63
CA MET B 227 -19.39 -44.51 -36.33
C MET B 227 -17.95 -44.07 -36.50
N THR B 228 -17.69 -42.78 -36.34
CA THR B 228 -16.33 -42.21 -36.42
C THR B 228 -16.07 -41.30 -35.22
N SER B 229 -14.80 -41.21 -34.80
CA SER B 229 -14.40 -40.38 -33.67
C SER B 229 -14.91 -38.94 -33.80
N GLY B 230 -14.90 -38.41 -35.02
CA GLY B 230 -15.42 -37.10 -35.33
C GLY B 230 -16.90 -37.01 -35.03
N LYS B 231 -17.68 -37.89 -35.68
CA LYS B 231 -19.15 -37.88 -35.54
C LYS B 231 -19.60 -38.09 -34.10
N ILE B 232 -18.81 -38.87 -33.33
CA ILE B 232 -19.06 -39.14 -31.92
C ILE B 232 -18.95 -37.86 -31.10
N LYS B 233 -17.83 -37.15 -31.28
CA LYS B 233 -17.61 -35.85 -30.62
C LYS B 233 -18.79 -34.91 -30.86
N LYS B 234 -19.25 -34.83 -32.12
CA LYS B 234 -20.36 -33.99 -32.52
C LYS B 234 -21.64 -34.44 -31.79
N PHE B 235 -21.88 -35.75 -31.81
CA PHE B 235 -23.02 -36.35 -31.11
C PHE B 235 -23.05 -36.00 -29.62
N ILE B 236 -21.87 -36.09 -28.98
CA ILE B 236 -21.75 -35.83 -27.55
C ILE B 236 -22.01 -34.36 -27.22
N GLN B 237 -21.33 -33.47 -27.95
CA GLN B 237 -21.43 -32.04 -27.73
C GLN B 237 -22.88 -31.57 -27.82
N GLU B 238 -23.57 -32.02 -28.87
CA GLU B 238 -24.94 -31.60 -29.17
C GLU B 238 -26.02 -32.21 -28.26
N ASN B 239 -25.67 -33.22 -27.47
CA ASN B 239 -26.76 -33.90 -26.73
C ASN B 239 -26.41 -34.24 -25.28
N ILE B 240 -25.22 -33.94 -24.79
CA ILE B 240 -24.83 -34.40 -23.43
C ILE B 240 -25.52 -33.64 -22.31
N PHE B 241 -25.86 -32.37 -22.51
CA PHE B 241 -26.35 -31.56 -21.38
C PHE B 241 -27.87 -31.43 -21.35
N GLY B 242 -28.50 -31.38 -22.52
CA GLY B 242 -29.93 -31.12 -22.60
C GLY B 242 -30.25 -29.63 -22.46
N ILE B 243 -31.53 -29.31 -22.25
CA ILE B 243 -32.00 -27.93 -22.24
C ILE B 243 -31.46 -27.08 -21.08
N CYS B 244 -31.30 -27.70 -19.91
CA CYS B 244 -30.88 -27.00 -18.69
C CYS B 244 -30.00 -27.84 -17.76
N PRO B 245 -28.71 -28.03 -18.08
CA PRO B 245 -27.79 -28.79 -17.23
C PRO B 245 -27.50 -28.10 -15.89
N HIS B 246 -27.03 -28.88 -14.91
CA HIS B 246 -26.51 -28.35 -13.66
C HIS B 246 -25.04 -28.06 -13.84
N MET B 247 -24.69 -26.76 -13.93
CA MET B 247 -23.33 -26.32 -14.13
C MET B 247 -22.54 -26.47 -12.84
N THR B 248 -21.33 -27.02 -12.99
CA THR B 248 -20.41 -27.34 -11.89
C THR B 248 -18.99 -26.96 -12.31
N GLU B 249 -18.04 -27.12 -11.37
CA GLU B 249 -16.63 -26.85 -11.63
C GLU B 249 -16.07 -27.67 -12.80
N ASP B 250 -16.53 -28.92 -12.93
CA ASP B 250 -16.11 -29.81 -14.03
C ASP B 250 -16.53 -29.27 -15.40
N ASN B 251 -17.86 -29.20 -15.60
CA ASN B 251 -18.46 -28.96 -16.90
C ASN B 251 -18.57 -27.49 -17.34
N LYS B 252 -18.21 -26.55 -16.45
CA LYS B 252 -18.42 -25.13 -16.70
C LYS B 252 -17.82 -24.65 -18.03
N ASP B 253 -16.68 -25.23 -18.41
CA ASP B 253 -15.95 -24.83 -19.61
C ASP B 253 -16.73 -25.24 -20.85
N LEU B 254 -17.28 -26.46 -20.79
CA LEU B 254 -18.10 -27.03 -21.86
C LEU B 254 -19.46 -26.33 -22.02
N ILE B 255 -19.95 -25.74 -20.92
CA ILE B 255 -21.29 -25.09 -20.95
C ILE B 255 -21.15 -23.61 -21.35
N GLN B 256 -20.21 -22.89 -20.74
CA GLN B 256 -20.06 -21.45 -21.03
C GLN B 256 -19.46 -21.28 -22.42
N GLY B 257 -19.78 -20.17 -23.08
CA GLY B 257 -19.19 -19.89 -24.42
C GLY B 257 -20.20 -19.27 -25.37
N LYS B 258 -21.45 -19.74 -25.34
CA LYS B 258 -22.51 -19.19 -26.22
C LYS B 258 -23.54 -18.45 -25.36
N ASP B 259 -24.48 -17.74 -25.99
CA ASP B 259 -25.52 -17.04 -25.23
C ASP B 259 -26.14 -17.97 -24.22
N LEU B 260 -26.02 -17.63 -22.93
CA LEU B 260 -26.28 -18.56 -21.85
C LEU B 260 -26.82 -17.88 -20.59
N LEU B 261 -28.00 -18.32 -20.15
CA LEU B 261 -28.68 -17.87 -18.94
C LEU B 261 -28.42 -18.84 -17.78
N ILE B 262 -27.92 -18.30 -16.66
CA ILE B 262 -27.75 -19.07 -15.43
C ILE B 262 -28.70 -18.54 -14.36
N ALA B 263 -29.43 -19.46 -13.73
CA ALA B 263 -30.22 -19.19 -12.55
C ALA B 263 -29.45 -19.74 -11.36
N TYR B 264 -28.95 -18.84 -10.52
CA TYR B 264 -28.10 -19.15 -9.33
C TYR B 264 -28.99 -19.30 -8.08
N TYR B 265 -28.82 -20.38 -7.32
CA TYR B 265 -29.52 -20.64 -6.04
C TYR B 265 -28.87 -21.77 -5.23
N ASP B 266 -29.49 -22.18 -4.13
CA ASP B 266 -28.94 -23.23 -3.23
C ASP B 266 -29.16 -24.60 -3.82
N VAL B 267 -28.58 -24.84 -4.98
CA VAL B 267 -28.69 -26.13 -5.67
C VAL B 267 -27.69 -27.13 -5.07
N ASP B 268 -28.26 -28.16 -4.44
CA ASP B 268 -27.53 -29.21 -3.73
C ASP B 268 -28.47 -30.42 -3.71
N TYR B 269 -28.06 -31.49 -4.39
CA TYR B 269 -28.90 -32.70 -4.62
C TYR B 269 -28.65 -33.73 -3.51
N GLU B 270 -27.88 -33.36 -2.49
CA GLU B 270 -27.65 -34.25 -1.32
C GLU B 270 -28.32 -33.58 -0.12
N LYS B 271 -28.73 -32.32 -0.28
CA LYS B 271 -29.43 -31.59 0.81
C LYS B 271 -30.79 -31.09 0.30
N ASN B 272 -30.80 -30.14 -0.65
CA ASN B 272 -32.11 -29.59 -1.09
C ASN B 272 -32.48 -30.14 -2.47
N ALA B 273 -32.76 -31.45 -2.56
CA ALA B 273 -33.07 -32.05 -3.89
C ALA B 273 -34.42 -31.53 -4.36
N LYS B 274 -35.47 -31.73 -3.56
CA LYS B 274 -36.81 -31.20 -3.91
C LYS B 274 -36.66 -29.72 -4.29
N GLY B 275 -35.93 -28.96 -3.48
CA GLY B 275 -35.73 -27.55 -3.78
C GLY B 275 -34.92 -27.32 -5.05
N SER B 276 -33.99 -28.20 -5.32
CA SER B 276 -33.10 -27.96 -6.48
C SER B 276 -33.89 -28.31 -7.73
N ASN B 277 -34.67 -29.38 -7.67
CA ASN B 277 -35.52 -29.77 -8.78
C ASN B 277 -36.57 -28.72 -9.12
N TYR B 278 -37.25 -28.18 -8.10
CA TYR B 278 -38.36 -27.20 -8.26
C TYR B 278 -37.90 -26.06 -9.19
N TRP B 279 -36.87 -25.31 -8.78
CA TRP B 279 -36.46 -24.14 -9.53
C TRP B 279 -35.97 -24.50 -10.93
N ARG B 280 -35.24 -25.61 -11.04
CA ARG B 280 -34.73 -26.15 -12.34
C ARG B 280 -35.92 -26.44 -13.26
N ASN B 281 -36.97 -27.08 -12.72
CA ASN B 281 -38.18 -27.37 -13.48
C ASN B 281 -38.87 -26.11 -13.98
N ARG B 282 -38.91 -25.08 -13.12
CA ARG B 282 -39.57 -23.78 -13.43
C ARG B 282 -38.75 -23.03 -14.48
N VAL B 283 -37.42 -23.12 -14.42
CA VAL B 283 -36.55 -22.56 -15.46
C VAL B 283 -36.85 -23.21 -16.82
N MET B 284 -36.90 -24.54 -16.83
CA MET B 284 -37.12 -25.33 -18.04
C MET B 284 -38.53 -25.06 -18.62
N MET B 285 -39.52 -24.96 -17.74
CA MET B 285 -40.90 -24.65 -18.11
C MET B 285 -40.98 -23.37 -18.93
N VAL B 286 -40.28 -22.32 -18.46
CA VAL B 286 -40.23 -21.04 -19.16
C VAL B 286 -39.36 -21.15 -20.42
N ALA B 287 -38.16 -21.73 -20.28
CA ALA B 287 -37.24 -21.95 -21.40
C ALA B 287 -37.94 -22.61 -22.59
N LYS B 288 -38.69 -23.68 -22.30
CA LYS B 288 -39.46 -24.43 -23.31
C LYS B 288 -40.40 -23.53 -24.12
N LYS B 289 -41.09 -22.61 -23.43
CA LYS B 289 -42.02 -21.69 -24.09
C LYS B 289 -41.33 -20.92 -25.21
N PHE B 290 -40.17 -20.33 -24.88
CA PHE B 290 -39.40 -19.51 -25.83
C PHE B 290 -38.70 -20.35 -26.89
N LEU B 291 -38.03 -21.42 -26.45
CA LEU B 291 -37.36 -22.33 -27.38
C LEU B 291 -38.30 -22.83 -28.47
N ASP B 292 -39.51 -23.25 -28.06
CA ASP B 292 -40.55 -23.73 -28.97
C ASP B 292 -41.00 -22.66 -29.97
N ALA B 293 -40.95 -21.39 -29.56
CA ALA B 293 -41.30 -20.26 -30.42
C ALA B 293 -40.23 -19.91 -31.47
N GLY B 294 -39.06 -20.56 -31.38
CA GLY B 294 -37.96 -20.35 -32.31
C GLY B 294 -36.78 -19.58 -31.73
N HIS B 295 -36.99 -18.92 -30.58
CA HIS B 295 -35.95 -18.19 -29.87
C HIS B 295 -34.77 -19.11 -29.50
N LYS B 296 -33.56 -18.57 -29.60
CA LYS B 296 -32.31 -19.30 -29.44
C LYS B 296 -31.53 -18.82 -28.21
N LEU B 297 -31.39 -19.68 -27.20
CA LEU B 297 -30.68 -19.38 -25.97
C LEU B 297 -30.43 -20.67 -25.18
N ASN B 298 -29.26 -20.72 -24.53
CA ASN B 298 -28.86 -21.84 -23.67
C ASN B 298 -29.16 -21.50 -22.23
N PHE B 299 -29.46 -22.54 -21.43
CA PHE B 299 -29.87 -22.39 -20.04
C PHE B 299 -29.07 -23.30 -19.14
N ALA B 300 -29.02 -22.95 -17.85
CA ALA B 300 -28.33 -23.75 -16.84
C ALA B 300 -28.73 -23.31 -15.43
N VAL B 301 -28.49 -24.19 -14.45
CA VAL B 301 -28.57 -23.84 -13.04
C VAL B 301 -27.20 -24.06 -12.42
N ALA B 302 -26.92 -23.29 -11.37
CA ALA B 302 -25.61 -23.30 -10.72
C ALA B 302 -25.73 -22.84 -9.28
N SER B 303 -24.85 -23.36 -8.42
CA SER B 303 -24.84 -23.03 -7.00
C SER B 303 -24.30 -21.63 -6.78
N ARG B 304 -25.06 -20.83 -6.01
CA ARG B 304 -24.65 -19.47 -5.55
C ARG B 304 -23.44 -19.60 -4.61
N LYS B 305 -23.30 -20.75 -3.94
CA LYS B 305 -22.13 -21.06 -3.13
C LYS B 305 -20.92 -21.40 -4.00
N THR B 306 -21.00 -22.48 -4.76
CA THR B 306 -19.87 -22.92 -5.62
C THR B 306 -19.42 -21.79 -6.58
N PHE B 307 -20.28 -20.83 -6.89
CA PHE B 307 -19.87 -19.84 -7.93
C PHE B 307 -20.08 -18.40 -7.46
N SER B 308 -19.99 -18.18 -6.15
CA SER B 308 -20.22 -16.83 -5.58
C SER B 308 -19.41 -15.78 -6.33
N HIS B 309 -18.32 -16.18 -6.98
CA HIS B 309 -17.43 -15.22 -7.68
C HIS B 309 -18.14 -14.64 -8.91
N GLU B 310 -18.82 -15.48 -9.69
CA GLU B 310 -19.44 -15.01 -10.95
C GLU B 310 -20.45 -13.90 -10.65
N LEU B 311 -20.95 -13.82 -9.41
CA LEU B 311 -22.01 -12.85 -9.08
C LEU B 311 -21.47 -11.41 -9.16
N SER B 312 -20.17 -11.21 -9.02
CA SER B 312 -19.67 -9.82 -8.99
C SER B 312 -19.78 -9.16 -10.36
N ASP B 313 -19.62 -9.97 -11.42
CA ASP B 313 -19.85 -9.55 -12.80
C ASP B 313 -21.27 -9.07 -13.07
N PHE B 314 -22.22 -9.51 -12.23
CA PHE B 314 -23.65 -9.19 -12.37
C PHE B 314 -24.21 -8.27 -11.28
N GLY B 315 -23.58 -8.29 -10.10
CA GLY B 315 -24.01 -7.51 -8.95
C GLY B 315 -25.01 -8.25 -8.08
N LEU B 316 -24.92 -9.59 -8.05
CA LEU B 316 -25.92 -10.39 -7.30
C LEU B 316 -25.27 -10.94 -6.02
N GLU B 317 -24.14 -10.34 -5.61
CA GLU B 317 -23.46 -10.78 -4.38
C GLU B 317 -24.44 -10.72 -3.21
N SER B 318 -25.13 -9.61 -3.03
CA SER B 318 -26.10 -9.49 -1.93
C SER B 318 -27.23 -10.48 -2.15
N THR B 319 -27.82 -10.43 -3.34
CA THR B 319 -29.00 -11.28 -3.61
C THR B 319 -28.54 -12.73 -3.76
N ALA B 320 -28.61 -13.51 -2.69
CA ALA B 320 -28.16 -14.92 -2.74
C ALA B 320 -28.88 -15.73 -1.66
N GLY B 321 -30.19 -15.95 -1.82
CA GLY B 321 -30.97 -16.73 -0.83
C GLY B 321 -31.62 -17.94 -1.46
N GLU B 322 -32.71 -18.41 -0.87
CA GLU B 322 -33.44 -19.58 -1.42
C GLU B 322 -33.98 -19.24 -2.81
N ILE B 323 -34.49 -18.04 -2.98
CA ILE B 323 -35.10 -17.66 -4.29
C ILE B 323 -33.96 -17.45 -5.28
N PRO B 324 -34.07 -18.05 -6.48
CA PRO B 324 -33.04 -17.96 -7.47
C PRO B 324 -32.75 -16.54 -7.94
N VAL B 325 -31.61 -16.37 -8.59
CA VAL B 325 -31.23 -15.05 -9.16
C VAL B 325 -30.81 -15.37 -10.57
N VAL B 326 -31.02 -14.46 -11.48
CA VAL B 326 -30.77 -14.84 -12.89
C VAL B 326 -30.03 -13.75 -13.61
N ALA B 327 -29.17 -14.16 -14.52
CA ALA B 327 -28.40 -13.21 -15.35
C ALA B 327 -27.99 -13.92 -16.65
N ILE B 328 -27.81 -13.18 -17.74
CA ILE B 328 -27.48 -13.79 -19.05
C ILE B 328 -26.15 -13.23 -19.54
N ARG B 329 -25.36 -14.03 -20.24
CA ARG B 329 -24.09 -13.54 -20.80
C ARG B 329 -24.02 -13.96 -22.25
N THR B 330 -24.03 -12.99 -23.14
CA THR B 330 -23.97 -13.26 -24.57
C THR B 330 -22.56 -13.62 -24.98
N ALA B 331 -22.44 -14.42 -26.05
CA ALA B 331 -21.16 -14.86 -26.59
C ALA B 331 -20.21 -13.69 -26.91
N LYS B 332 -20.79 -12.54 -27.29
CA LYS B 332 -20.03 -11.32 -27.56
C LYS B 332 -19.49 -10.65 -26.29
N GLY B 333 -20.14 -10.91 -25.15
CA GLY B 333 -19.71 -10.41 -23.85
C GLY B 333 -20.75 -9.63 -23.04
N GLU B 334 -21.79 -9.13 -23.72
CA GLU B 334 -22.87 -8.37 -23.05
C GLU B 334 -23.51 -9.19 -21.93
N LYS B 335 -23.89 -8.50 -20.85
CA LYS B 335 -24.54 -9.12 -19.69
C LYS B 335 -25.87 -8.43 -19.38
N PHE B 336 -26.89 -9.24 -19.09
CA PHE B 336 -28.22 -8.75 -18.75
C PHE B 336 -28.67 -9.45 -17.48
N VAL B 337 -29.15 -8.66 -16.50
CA VAL B 337 -29.49 -9.16 -15.18
C VAL B 337 -30.98 -8.94 -14.88
N MET B 338 -31.65 -9.99 -14.41
CA MET B 338 -33.07 -9.93 -14.07
C MET B 338 -33.23 -9.07 -12.82
N GLN B 339 -34.11 -8.07 -12.89
CA GLN B 339 -34.27 -7.14 -11.75
C GLN B 339 -35.41 -7.58 -10.85
N GLU B 340 -36.51 -8.02 -11.43
CA GLU B 340 -37.64 -8.47 -10.63
C GLU B 340 -37.22 -9.68 -9.80
N GLU B 341 -37.92 -9.88 -8.69
CA GLU B 341 -37.68 -11.09 -7.87
C GLU B 341 -38.26 -12.28 -8.61
N PHE B 342 -37.59 -13.42 -8.57
CA PHE B 342 -38.05 -14.63 -9.29
C PHE B 342 -39.30 -15.17 -8.64
N SER B 343 -40.43 -14.86 -9.23
CA SER B 343 -41.70 -15.38 -8.77
C SER B 343 -41.69 -16.90 -8.92
N ARG B 344 -42.36 -17.57 -7.97
CA ARG B 344 -42.45 -19.06 -7.88
C ARG B 344 -43.18 -19.61 -9.10
N ASP B 345 -44.06 -18.81 -9.73
CA ASP B 345 -44.83 -19.22 -10.90
C ASP B 345 -44.11 -19.03 -12.24
N GLY B 346 -42.93 -18.41 -12.21
CA GLY B 346 -42.10 -18.21 -13.38
C GLY B 346 -42.40 -16.99 -14.24
N LYS B 347 -43.42 -16.22 -13.86
CA LYS B 347 -43.90 -15.10 -14.69
C LYS B 347 -42.90 -13.94 -14.72
N ALA B 348 -42.15 -13.77 -13.63
CA ALA B 348 -41.03 -12.83 -13.59
C ALA B 348 -39.95 -13.24 -14.61
N LEU B 349 -39.61 -14.54 -14.64
CA LEU B 349 -38.64 -15.05 -15.60
C LEU B 349 -39.13 -14.95 -17.06
N GLU B 350 -40.45 -15.09 -17.25
CA GLU B 350 -41.09 -14.95 -18.57
C GLU B 350 -40.91 -13.52 -19.10
N ARG B 351 -41.18 -12.55 -18.25
CA ARG B 351 -41.09 -11.13 -18.67
C ARG B 351 -39.65 -10.81 -19.01
N PHE B 352 -38.75 -11.12 -18.10
CA PHE B 352 -37.32 -10.90 -18.34
C PHE B 352 -36.92 -11.40 -19.73
N LEU B 353 -37.20 -12.68 -19.99
CA LEU B 353 -36.83 -13.33 -21.26
C LEU B 353 -37.55 -12.71 -22.47
N GLN B 354 -38.76 -12.21 -22.24
CA GLN B 354 -39.53 -11.53 -23.29
C GLN B 354 -38.84 -10.22 -23.69
N ASP B 355 -38.44 -9.43 -22.67
CA ASP B 355 -37.74 -8.16 -22.88
C ASP B 355 -36.43 -8.37 -23.63
N TYR B 356 -35.66 -9.39 -23.25
CA TYR B 356 -34.33 -9.74 -23.84
C TYR B 356 -34.48 -9.94 -25.35
N PHE B 357 -35.36 -10.85 -25.78
CA PHE B 357 -35.50 -11.21 -27.20
C PHE B 357 -36.09 -10.07 -28.05
N ASP B 358 -36.83 -9.16 -27.40
CA ASP B 358 -37.34 -7.94 -28.05
C ASP B 358 -36.24 -6.89 -28.28
N GLY B 359 -35.15 -6.99 -27.50
CA GLY B 359 -34.07 -6.01 -27.51
C GLY B 359 -34.38 -4.81 -26.63
N ASN B 360 -35.08 -5.07 -25.51
CA ASN B 360 -35.60 -4.05 -24.60
C ASN B 360 -35.01 -4.12 -23.19
N LEU B 361 -33.86 -4.81 -23.06
CA LEU B 361 -33.11 -4.87 -21.81
C LEU B 361 -31.80 -4.12 -21.97
N LYS B 362 -31.55 -3.18 -21.05
CA LYS B 362 -30.29 -2.44 -21.01
C LYS B 362 -29.23 -3.34 -20.37
N ARG B 363 -28.02 -3.33 -20.96
CA ARG B 363 -26.88 -4.20 -20.58
C ARG B 363 -26.32 -3.73 -19.22
N TYR B 364 -25.88 -4.68 -18.39
CA TYR B 364 -25.31 -4.41 -17.04
C TYR B 364 -23.83 -4.02 -17.17
N LEU B 365 -23.44 -2.95 -16.48
CA LEU B 365 -22.08 -2.43 -16.50
C LEU B 365 -21.67 -1.82 -15.17
N LYS B 366 -20.38 -1.99 -14.87
CA LYS B 366 -19.82 -1.36 -13.68
C LYS B 366 -20.21 0.09 -13.69
N SER B 367 -20.84 0.52 -12.62
CA SER B 367 -21.30 1.89 -12.53
C SER B 367 -21.34 2.41 -11.10
N GLU B 368 -21.12 3.73 -10.95
CA GLU B 368 -21.35 4.39 -9.68
C GLU B 368 -22.86 4.58 -9.54
N PRO B 369 -23.37 5.04 -8.38
CA PRO B 369 -24.75 5.51 -8.27
C PRO B 369 -25.00 6.81 -9.05
N ILE B 370 -25.84 6.69 -10.09
CA ILE B 370 -26.24 7.88 -10.87
C ILE B 370 -26.71 8.93 -9.86
N PRO B 371 -26.25 10.18 -9.98
CA PRO B 371 -26.54 11.23 -9.00
C PRO B 371 -27.95 11.83 -9.11
N GLU B 372 -28.35 12.65 -8.14
CA GLU B 372 -29.76 13.10 -8.06
C GLU B 372 -30.12 14.25 -9.00
N SER B 373 -29.34 15.33 -8.99
CA SER B 373 -29.68 16.53 -9.82
C SER B 373 -28.92 16.49 -11.15
N ASN B 374 -27.60 16.70 -11.10
CA ASN B 374 -26.75 16.63 -12.32
C ASN B 374 -26.95 17.91 -13.16
N ASP B 375 -27.20 19.04 -12.50
CA ASP B 375 -27.31 20.33 -13.24
C ASP B 375 -25.93 20.65 -13.83
N GLY B 376 -25.82 21.68 -14.68
CA GLY B 376 -24.53 21.94 -15.33
C GLY B 376 -23.57 22.68 -14.41
N PRO B 377 -22.49 23.31 -14.92
CA PRO B 377 -22.33 23.53 -16.36
C PRO B 377 -21.83 22.27 -17.06
N VAL B 378 -21.24 21.35 -16.31
CA VAL B 378 -20.74 20.07 -16.90
C VAL B 378 -21.66 18.93 -16.47
N LYS B 379 -21.90 17.96 -17.34
CA LYS B 379 -22.87 16.87 -17.01
C LYS B 379 -22.12 15.63 -16.54
N VAL B 380 -22.28 15.27 -15.26
CA VAL B 380 -21.64 14.02 -14.74
C VAL B 380 -22.21 12.84 -15.53
N VAL B 381 -21.38 11.87 -15.89
CA VAL B 381 -21.87 10.74 -16.75
C VAL B 381 -21.42 9.40 -16.17
N VAL B 382 -22.37 8.62 -15.64
CA VAL B 382 -22.02 7.24 -15.19
C VAL B 382 -22.35 6.32 -16.36
N ALA B 383 -21.92 5.06 -16.28
CA ALA B 383 -22.14 4.11 -17.41
C ALA B 383 -23.64 3.86 -17.58
N GLU B 384 -24.41 3.93 -16.49
CA GLU B 384 -25.86 3.64 -16.57
C GLU B 384 -26.54 4.67 -17.48
N ASN B 385 -26.28 5.96 -17.27
CA ASN B 385 -26.87 7.03 -18.05
C ASN B 385 -25.98 7.52 -19.21
N PHE B 386 -25.02 6.69 -19.60
CA PHE B 386 -24.09 7.09 -20.68
C PHE B 386 -24.82 7.26 -22.00
N ASP B 387 -25.38 6.16 -22.52
CA ASP B 387 -26.05 6.19 -23.82
C ASP B 387 -27.28 7.12 -23.87
N GLU B 388 -27.78 7.49 -22.69
CA GLU B 388 -28.91 8.45 -22.61
C GLU B 388 -28.37 9.87 -22.82
N ILE B 389 -27.11 10.12 -22.48
CA ILE B 389 -26.50 11.44 -22.57
C ILE B 389 -25.56 11.52 -23.77
N VAL B 390 -24.54 10.64 -23.78
CA VAL B 390 -23.51 10.65 -24.82
C VAL B 390 -24.02 10.16 -26.20
N ASN B 391 -25.06 9.32 -26.18
CA ASN B 391 -25.65 8.76 -27.41
C ASN B 391 -27.11 9.18 -27.65
N ASN B 392 -27.46 10.37 -27.16
CA ASN B 392 -28.70 11.04 -27.52
C ASN B 392 -28.46 11.70 -28.88
N GLU B 393 -28.94 11.06 -29.94
CA GLU B 393 -28.69 11.50 -31.30
C GLU B 393 -29.43 12.81 -31.57
N ASN B 394 -28.89 13.62 -32.48
CA ASN B 394 -29.26 15.03 -32.70
C ASN B 394 -28.75 15.99 -31.62
N LYS B 395 -28.02 15.42 -30.64
CA LYS B 395 -27.40 16.23 -29.56
C LYS B 395 -25.91 15.89 -29.48
N ASP B 396 -25.04 16.82 -29.86
CA ASP B 396 -23.59 16.65 -29.83
C ASP B 396 -23.09 16.52 -28.40
N VAL B 397 -22.09 15.67 -28.20
CA VAL B 397 -21.51 15.43 -26.88
C VAL B 397 -19.99 15.48 -26.89
N LEU B 398 -19.43 16.28 -25.97
CA LEU B 398 -18.02 16.26 -25.66
C LEU B 398 -17.88 15.50 -24.35
N ILE B 399 -17.25 14.32 -24.43
CA ILE B 399 -17.10 13.42 -23.29
C ILE B 399 -15.62 13.33 -22.89
N GLU B 400 -15.33 13.68 -21.63
CA GLU B 400 -13.99 13.57 -21.04
C GLU B 400 -13.91 12.35 -20.13
N PHE B 401 -13.03 11.41 -20.47
CA PHE B 401 -12.76 10.26 -19.63
C PHE B 401 -11.57 10.60 -18.75
N TYR B 402 -11.82 10.74 -17.44
CA TYR B 402 -10.82 11.19 -16.43
C TYR B 402 -10.58 10.09 -15.38
N ALA B 403 -9.51 10.25 -14.60
CA ALA B 403 -9.23 9.45 -13.41
C ALA B 403 -9.05 10.42 -12.24
N PRO B 404 -9.47 10.06 -11.01
CA PRO B 404 -9.42 10.99 -9.87
C PRO B 404 -7.98 11.35 -9.45
N TRP B 405 -7.02 10.49 -9.79
CA TRP B 405 -5.61 10.65 -9.39
C TRP B 405 -4.73 11.40 -10.40
N CYS B 406 -5.25 11.68 -11.60
CA CYS B 406 -4.44 12.19 -12.70
C CYS B 406 -4.31 13.73 -12.64
N GLY B 407 -3.07 14.21 -12.76
CA GLY B 407 -2.73 15.61 -12.62
C GLY B 407 -3.13 16.44 -13.83
N HIS B 408 -3.02 15.84 -15.02
CA HIS B 408 -3.46 16.47 -16.26
C HIS B 408 -4.96 16.73 -16.16
N CYS B 409 -5.67 15.70 -15.70
CA CYS B 409 -7.11 15.74 -15.49
C CYS B 409 -7.49 16.81 -14.47
N LYS B 410 -6.63 17.02 -13.47
CA LYS B 410 -6.82 18.10 -12.48
C LYS B 410 -6.59 19.49 -13.07
N ASN B 411 -5.55 19.64 -13.90
CA ASN B 411 -5.26 20.88 -14.62
C ASN B 411 -6.39 21.31 -15.57
N LEU B 412 -7.01 20.31 -16.22
CA LEU B 412 -8.06 20.55 -17.20
C LEU B 412 -9.38 20.96 -16.54
N GLU B 413 -9.65 20.44 -15.33
CA GLU B 413 -10.95 20.56 -14.68
C GLU B 413 -11.59 21.96 -14.70
N PRO B 414 -10.89 23.03 -14.23
CA PRO B 414 -11.47 24.37 -14.24
C PRO B 414 -11.63 24.95 -15.66
N LYS B 415 -10.76 24.56 -16.60
CA LYS B 415 -10.86 24.97 -18.01
C LYS B 415 -12.05 24.31 -18.70
N TYR B 416 -12.28 23.02 -18.39
CA TYR B 416 -13.36 22.19 -18.96
C TYR B 416 -14.73 22.64 -18.44
N LYS B 417 -14.77 23.15 -17.20
CA LYS B 417 -15.99 23.68 -16.58
C LYS B 417 -16.36 25.03 -17.17
N GLU B 418 -15.34 25.86 -17.42
CA GLU B 418 -15.50 27.17 -18.04
C GLU B 418 -16.05 27.02 -19.46
N LEU B 419 -15.64 25.95 -20.15
CA LEU B 419 -16.12 25.60 -21.48
C LEU B 419 -17.62 25.27 -21.47
N GLY B 420 -18.05 24.53 -20.44
CA GLY B 420 -19.44 24.24 -20.20
C GLY B 420 -20.28 25.50 -20.04
N GLU B 421 -19.80 26.43 -19.21
CA GLU B 421 -20.46 27.73 -18.98
C GLU B 421 -20.64 28.53 -20.27
N LYS B 422 -19.60 28.57 -21.10
CA LYS B 422 -19.65 29.33 -22.38
C LYS B 422 -20.55 28.61 -23.38
N LEU B 423 -21.06 27.44 -23.00
CA LEU B 423 -21.97 26.66 -23.90
C LEU B 423 -23.27 26.34 -23.14
N SER B 424 -23.57 27.08 -22.08
CA SER B 424 -24.74 26.77 -21.21
C SER B 424 -26.07 27.24 -21.81
N LYS B 425 -26.09 27.61 -23.09
CA LYS B 425 -27.35 28.02 -23.77
C LYS B 425 -27.60 27.07 -24.95
N ASP B 426 -26.53 26.69 -25.66
CA ASP B 426 -26.66 25.76 -26.81
C ASP B 426 -26.95 24.36 -26.28
N PRO B 427 -28.21 23.84 -26.35
CA PRO B 427 -28.53 22.54 -25.79
C PRO B 427 -27.99 21.43 -26.71
N ASN B 428 -27.83 21.75 -28.00
CA ASN B 428 -27.29 20.75 -28.95
C ASN B 428 -25.88 20.37 -28.53
N ILE B 429 -25.20 21.26 -27.82
CA ILE B 429 -23.79 21.00 -27.38
C ILE B 429 -23.78 20.74 -25.87
N VAL B 430 -23.39 19.52 -25.48
CA VAL B 430 -23.35 19.13 -24.04
C VAL B 430 -21.93 18.74 -23.63
N ILE B 431 -21.38 19.39 -22.62
CA ILE B 431 -20.06 19.10 -22.08
C ILE B 431 -20.20 18.07 -20.96
N ALA B 432 -19.49 16.95 -21.09
CA ALA B 432 -19.67 15.77 -20.23
C ALA B 432 -18.36 15.18 -19.74
N LYS B 433 -18.40 14.58 -18.55
CA LYS B 433 -17.25 13.91 -17.94
C LYS B 433 -17.70 12.62 -17.25
N MET B 434 -16.76 11.65 -17.19
CA MET B 434 -17.03 10.35 -16.51
C MET B 434 -15.75 9.77 -15.90
N ASP B 435 -15.80 9.37 -14.62
CA ASP B 435 -14.66 8.71 -13.95
C ASP B 435 -14.50 7.32 -14.53
N ALA B 436 -13.55 7.19 -15.43
CA ALA B 436 -13.35 5.94 -16.15
C ALA B 436 -12.65 4.84 -15.31
N THR B 437 -12.29 5.17 -14.07
CA THR B 437 -11.79 4.20 -13.09
C THR B 437 -12.93 3.55 -12.29
N ALA B 438 -14.07 4.25 -12.22
CA ALA B 438 -15.26 3.81 -11.47
C ALA B 438 -16.44 3.33 -12.36
N ASN B 439 -16.25 3.36 -13.69
CA ASN B 439 -17.32 3.11 -14.66
C ASN B 439 -16.76 2.50 -15.94
N ASP B 440 -17.35 1.37 -16.35
CA ASP B 440 -16.98 0.72 -17.61
C ASP B 440 -17.10 1.70 -18.78
N VAL B 441 -16.16 1.64 -19.69
CA VAL B 441 -16.22 2.49 -20.89
C VAL B 441 -16.75 1.62 -22.02
N PRO B 442 -17.88 1.97 -22.66
CA PRO B 442 -18.46 1.15 -23.71
C PRO B 442 -17.45 0.84 -24.83
N SER B 443 -17.72 -0.22 -25.59
CA SER B 443 -16.78 -0.67 -26.66
C SER B 443 -16.47 0.44 -27.64
N PRO B 444 -17.46 1.24 -28.15
CA PRO B 444 -17.17 2.25 -29.17
C PRO B 444 -16.06 3.21 -28.73
N TYR B 445 -15.82 3.33 -27.43
CA TYR B 445 -14.82 4.31 -26.95
C TYR B 445 -13.66 3.56 -26.31
N GLU B 446 -12.46 4.15 -26.28
CA GLU B 446 -11.26 3.50 -25.69
C GLU B 446 -10.38 4.51 -24.94
N VAL B 447 -10.03 4.23 -23.67
CA VAL B 447 -9.21 5.15 -22.87
C VAL B 447 -7.83 4.54 -22.63
N ARG B 448 -6.85 4.99 -23.42
CA ARG B 448 -5.44 4.52 -23.40
C ARG B 448 -4.77 5.02 -22.11
N GLY B 449 -4.68 6.33 -21.94
CA GLY B 449 -4.24 6.97 -20.70
C GLY B 449 -5.22 8.08 -20.36
N PHE B 450 -4.82 8.98 -19.47
CA PHE B 450 -5.67 10.07 -19.03
C PHE B 450 -5.06 11.45 -19.29
N PRO B 451 -5.87 12.47 -19.66
CA PRO B 451 -7.26 12.27 -20.03
C PRO B 451 -7.46 11.97 -21.53
N THR B 452 -8.53 11.23 -21.86
CA THR B 452 -8.86 10.90 -23.26
C THR B 452 -10.20 11.55 -23.53
N ILE B 453 -10.27 12.39 -24.55
CA ILE B 453 -11.54 13.13 -24.77
C ILE B 453 -12.10 12.79 -26.15
N TYR B 454 -13.34 12.30 -26.18
CA TYR B 454 -14.07 11.95 -27.42
C TYR B 454 -15.14 12.99 -27.79
N PHE B 455 -15.39 13.13 -29.10
CA PHE B 455 -16.48 14.01 -29.60
C PHE B 455 -17.35 13.17 -30.55
N SER B 456 -18.60 12.90 -30.18
CA SER B 456 -19.49 12.01 -30.98
C SER B 456 -20.43 12.87 -31.83
N PRO B 457 -20.33 12.90 -33.18
CA PRO B 457 -21.20 13.83 -33.94
C PRO B 457 -22.71 13.66 -33.74
N ALA B 458 -23.50 14.66 -34.15
CA ALA B 458 -24.95 14.62 -34.04
C ALA B 458 -25.52 13.25 -34.37
N ASN B 459 -25.15 12.72 -35.54
CA ASN B 459 -25.64 11.43 -36.04
C ASN B 459 -24.59 10.32 -36.03
N LYS B 460 -23.31 10.71 -36.14
CA LYS B 460 -22.20 9.72 -36.18
C LYS B 460 -21.81 9.30 -34.77
N LYS B 461 -22.78 8.77 -34.00
CA LYS B 461 -22.51 8.30 -32.62
C LYS B 461 -21.77 6.95 -32.68
N LEU B 462 -22.00 6.18 -33.75
CA LEU B 462 -21.39 4.82 -33.87
C LEU B 462 -19.86 4.94 -34.00
N ASN B 463 -19.39 5.89 -34.82
CA ASN B 463 -17.92 6.01 -35.06
C ASN B 463 -17.43 7.34 -34.46
N PRO B 464 -17.24 7.45 -33.14
CA PRO B 464 -16.84 8.71 -32.51
C PRO B 464 -15.32 8.86 -32.61
N LYS B 465 -14.83 10.09 -32.74
CA LYS B 465 -13.40 10.35 -32.91
C LYS B 465 -12.80 11.15 -31.74
N LYS B 466 -11.50 10.91 -31.47
CA LYS B 466 -10.78 11.50 -30.35
C LYS B 466 -10.54 12.98 -30.60
N TYR B 467 -10.07 13.69 -29.57
CA TYR B 467 -9.74 15.13 -29.63
C TYR B 467 -8.31 15.30 -30.12
N GLU B 468 -7.33 14.84 -29.33
CA GLU B 468 -5.90 14.93 -29.66
C GLU B 468 -5.41 16.35 -29.98
N GLY B 469 -6.17 17.37 -29.56
CA GLY B 469 -5.80 18.76 -29.69
C GLY B 469 -5.15 19.24 -28.41
N GLY B 470 -4.72 20.51 -28.40
CA GLY B 470 -4.16 21.14 -27.22
C GLY B 470 -5.24 21.26 -26.15
N ARG B 471 -4.87 20.96 -24.90
CA ARG B 471 -5.80 20.98 -23.74
C ARG B 471 -5.82 22.41 -23.20
N GLU B 472 -6.40 23.32 -23.98
CA GLU B 472 -6.55 24.75 -23.57
C GLU B 472 -7.96 25.21 -24.00
N LEU B 473 -8.68 25.91 -23.12
CA LEU B 473 -10.07 26.37 -23.40
C LEU B 473 -10.13 26.82 -24.87
N SER B 474 -9.27 27.75 -25.28
CA SER B 474 -9.35 28.32 -26.64
C SER B 474 -9.25 27.26 -27.74
N ASP B 475 -8.43 26.22 -27.49
CA ASP B 475 -8.28 25.11 -28.43
C ASP B 475 -9.58 24.31 -28.56
N PHE B 476 -10.31 24.20 -27.44
CA PHE B 476 -11.58 23.47 -27.41
C PHE B 476 -12.67 24.19 -28.22
N ILE B 477 -13.02 25.42 -27.83
CA ILE B 477 -14.04 26.21 -28.53
C ILE B 477 -13.74 26.44 -30.02
N SER B 478 -12.44 26.51 -30.37
CA SER B 478 -12.00 26.61 -31.76
C SER B 478 -12.19 25.28 -32.52
N TYR B 479 -12.16 24.16 -31.79
CA TYR B 479 -12.43 22.79 -32.29
C TYR B 479 -13.94 22.56 -32.39
N LEU B 480 -14.72 23.19 -31.50
CA LEU B 480 -16.19 23.08 -31.54
C LEU B 480 -16.71 23.98 -32.67
N GLN B 481 -15.86 24.85 -33.20
CA GLN B 481 -16.26 25.72 -34.33
C GLN B 481 -16.02 24.95 -35.64
N ARG B 482 -15.54 23.71 -35.54
CA ARG B 482 -15.20 22.93 -36.75
C ARG B 482 -16.06 21.66 -36.80
N GLU B 483 -15.73 20.66 -36.00
CA GLU B 483 -16.44 19.36 -36.08
C GLU B 483 -17.93 19.54 -35.79
N ALA B 484 -18.30 20.50 -34.94
CA ALA B 484 -19.72 20.65 -34.56
C ALA B 484 -20.55 20.88 -35.82
N THR B 485 -21.45 19.94 -36.15
CA THR B 485 -22.30 20.09 -37.36
C THR B 485 -23.18 21.32 -37.19
N ASN B 486 -23.82 21.48 -36.03
CA ASN B 486 -24.67 22.67 -35.77
C ASN B 486 -23.76 23.85 -35.39
N PRO B 487 -24.14 25.11 -35.64
CA PRO B 487 -23.32 26.25 -35.22
C PRO B 487 -23.17 26.33 -33.70
N PRO B 488 -21.97 26.58 -33.13
CA PRO B 488 -21.82 26.58 -31.66
C PRO B 488 -22.14 27.90 -30.93
N VAL B 489 -22.66 27.83 -29.70
CA VAL B 489 -23.04 29.06 -28.95
C VAL B 489 -21.93 29.45 -27.96
N ILE B 490 -21.04 30.37 -28.37
CA ILE B 490 -19.98 30.88 -27.45
C ILE B 490 -20.65 31.89 -26.50
N GLN B 491 -20.55 31.68 -25.20
CA GLN B 491 -21.25 32.56 -24.22
C GLN B 491 -20.22 33.32 -23.38
N GLY C 2 -14.30 5.83 23.77
CA GLY C 2 -13.19 6.35 22.92
C GLY C 2 -12.20 5.26 22.47
N PRO C 3 -11.18 5.62 21.65
CA PRO C 3 -10.21 4.66 21.14
C PRO C 3 -9.24 4.18 22.24
N HIS C 4 -8.55 3.06 21.97
CA HIS C 4 -7.58 2.48 22.89
C HIS C 4 -6.49 1.78 22.10
N SER C 5 -5.34 1.54 22.73
CA SER C 5 -4.19 0.94 22.08
C SER C 5 -3.28 0.20 23.04
N MET C 6 -2.60 -0.82 22.52
CA MET C 6 -1.48 -1.46 23.19
C MET C 6 -0.27 -1.37 22.27
N ARG C 7 0.88 -1.00 22.85
CA ARG C 7 2.17 -0.82 22.13
C ARG C 7 3.30 -1.36 23.01
N TYR C 8 4.13 -2.24 22.46
CA TYR C 8 5.43 -2.68 23.05
C TYR C 8 6.55 -1.98 22.29
N PHE C 9 7.40 -1.25 23.02
CA PHE C 9 8.58 -0.57 22.48
C PHE C 9 9.81 -1.28 22.97
N GLU C 10 10.58 -1.80 22.01
CA GLU C 10 11.87 -2.43 22.34
C GLU C 10 12.96 -1.47 21.90
N THR C 11 14.11 -1.51 22.53
CA THR C 11 15.17 -0.55 22.33
C THR C 11 16.51 -1.15 22.75
N ALA C 12 17.45 -1.22 21.81
CA ALA C 12 18.83 -1.62 22.11
C ALA C 12 19.75 -0.43 21.85
N VAL C 13 20.67 -0.18 22.79
CA VAL C 13 21.64 0.90 22.67
C VAL C 13 23.05 0.38 22.92
N SER C 14 23.83 0.26 21.84
CA SER C 14 25.22 -0.16 21.91
C SER C 14 26.00 0.88 22.69
N ARG C 15 27.02 0.42 23.42
CA ARG C 15 27.89 1.27 24.28
C ARG C 15 29.35 1.09 23.84
N PRO C 16 30.12 2.19 23.72
CA PRO C 16 31.47 2.13 23.17
C PRO C 16 32.38 1.27 24.05
N GLY C 17 32.99 0.23 23.46
CA GLY C 17 33.86 -0.69 24.16
C GLY C 17 33.36 -2.12 24.15
N LEU C 18 33.99 -2.97 24.96
CA LEU C 18 33.71 -4.41 25.00
C LEU C 18 32.33 -4.64 25.61
N GLU C 19 31.70 -3.59 26.12
CA GLU C 19 30.40 -3.76 26.81
C GLU C 19 29.33 -4.30 25.86
N GLU C 20 28.24 -4.84 26.41
CA GLU C 20 27.11 -5.37 25.61
C GLU C 20 25.99 -4.34 25.54
N PRO C 21 25.12 -4.37 24.50
CA PRO C 21 24.10 -3.35 24.33
C PRO C 21 23.11 -3.41 25.49
N ARG C 22 22.55 -2.25 25.89
CA ARG C 22 21.47 -2.14 26.89
C ARG C 22 20.11 -2.28 26.20
N TYR C 23 19.34 -3.31 26.54
CA TYR C 23 18.04 -3.64 25.93
C TYR C 23 16.90 -3.35 26.92
N ILE C 24 16.09 -2.33 26.62
CA ILE C 24 14.89 -2.02 27.37
C ILE C 24 13.69 -2.35 26.50
N SER C 25 12.72 -3.04 27.08
CA SER C 25 11.45 -3.36 26.44
C SER C 25 10.32 -2.88 27.37
N VAL C 26 9.48 -1.98 26.87
CA VAL C 26 8.37 -1.41 27.65
C VAL C 26 7.03 -1.53 26.93
N GLY C 27 6.03 -2.03 27.64
CA GLY C 27 4.67 -2.14 27.14
C GLY C 27 3.80 -1.02 27.68
N TYR C 28 2.95 -0.46 26.81
CA TYR C 28 1.98 0.62 27.13
C TYR C 28 0.57 0.16 26.77
N VAL C 29 -0.42 0.51 27.59
CA VAL C 29 -1.82 0.53 27.22
C VAL C 29 -2.21 2.00 27.24
N ASP C 30 -2.83 2.44 26.17
CA ASP C 30 -3.10 3.88 26.06
C ASP C 30 -1.72 4.52 26.17
N ASN C 31 -1.55 5.58 26.94
CA ASN C 31 -0.17 6.12 27.07
C ASN C 31 0.35 5.74 28.45
N LYS C 32 -0.15 4.64 28.98
CA LYS C 32 0.20 4.19 30.35
C LYS C 32 1.10 2.96 30.35
N GLU C 33 2.32 3.14 30.88
CA GLU C 33 3.26 2.00 30.99
C GLU C 33 2.67 0.98 31.96
N PHE C 34 2.80 -0.30 31.64
CA PHE C 34 2.26 -1.37 32.47
C PHE C 34 3.17 -2.58 32.69
N VAL C 35 4.19 -2.74 31.84
CA VAL C 35 5.30 -3.68 32.06
C VAL C 35 6.59 -3.08 31.51
N ARG C 36 7.73 -3.48 32.10
CA ARG C 36 9.10 -3.01 31.71
C ARG C 36 10.13 -4.11 31.97
N PHE C 37 11.10 -4.26 31.05
CA PHE C 37 12.26 -5.13 31.20
C PHE C 37 13.48 -4.26 30.95
N ASP C 38 14.55 -4.48 31.71
CA ASP C 38 15.80 -3.71 31.58
C ASP C 38 17.03 -4.57 31.83
N SER C 39 17.83 -4.78 30.77
CA SER C 39 19.03 -5.63 30.82
C SER C 39 20.03 -5.25 31.93
N ASP C 40 20.10 -3.95 32.22
CA ASP C 40 21.10 -3.46 33.19
C ASP C 40 20.74 -3.92 34.61
N ALA C 41 19.47 -3.85 34.96
CA ALA C 41 19.01 -4.28 36.31
C ALA C 41 19.53 -5.67 36.65
N GLU C 42 20.25 -5.80 37.76
CA GLU C 42 20.67 -7.15 38.21
C GLU C 42 19.40 -7.98 38.33
N ASN C 43 19.44 -9.25 37.89
CA ASN C 43 18.19 -10.05 37.88
C ASN C 43 17.21 -9.36 36.93
N PRO C 44 17.51 -9.28 35.61
CA PRO C 44 16.60 -8.68 34.64
C PRO C 44 15.40 -9.59 34.33
N ARG C 45 14.22 -9.14 34.76
CA ARG C 45 12.97 -9.86 34.49
C ARG C 45 11.93 -8.81 34.18
N TYR C 46 10.80 -9.21 33.63
CA TYR C 46 9.71 -8.24 33.38
C TYR C 46 9.04 -7.94 34.71
N GLU C 47 8.87 -6.67 35.01
CA GLU C 47 8.19 -6.29 36.24
C GLU C 47 6.85 -5.63 35.88
N PRO C 48 5.80 -5.79 36.72
CA PRO C 48 4.58 -5.00 36.56
C PRO C 48 4.87 -3.52 36.89
N ARG C 49 4.36 -2.61 36.08
CA ARG C 49 4.58 -1.13 36.23
C ARG C 49 3.25 -0.40 36.49
N ALA C 50 2.11 -1.11 36.38
CA ALA C 50 0.83 -0.63 36.85
C ALA C 50 0.28 -1.64 37.87
N PRO C 51 -0.46 -1.20 38.91
CA PRO C 51 -0.89 -2.09 39.98
C PRO C 51 -1.87 -3.19 39.51
N TRP C 52 -2.56 -2.95 38.39
CA TRP C 52 -3.58 -3.91 37.87
C TRP C 52 -2.93 -5.09 37.17
N MET C 53 -1.61 -5.12 37.12
CA MET C 53 -0.93 -6.26 36.47
C MET C 53 -0.47 -7.25 37.55
N GLU C 54 -0.71 -6.91 38.82
CA GLU C 54 -0.24 -7.79 39.92
C GLU C 54 -1.03 -9.10 39.89
N GLN C 55 -2.16 -9.15 39.18
CA GLN C 55 -3.02 -10.37 39.16
C GLN C 55 -2.26 -11.53 38.48
N GLU C 56 -1.64 -11.28 37.32
CA GLU C 56 -0.95 -12.31 36.55
C GLU C 56 0.06 -13.08 37.41
N GLY C 57 0.02 -14.42 37.32
CA GLY C 57 0.83 -15.30 38.15
C GLY C 57 2.27 -15.50 37.65
N PRO C 58 3.12 -16.25 38.38
CA PRO C 58 4.53 -16.42 38.01
C PRO C 58 4.78 -16.98 36.60
N GLU C 59 3.86 -17.79 36.07
CA GLU C 59 4.00 -18.38 34.73
C GLU C 59 3.93 -17.36 33.60
N TYR C 60 3.20 -16.26 33.83
CA TYR C 60 3.12 -15.09 32.92
C TYR C 60 4.50 -14.41 32.85
N TRP C 61 5.05 -14.09 34.00
CA TRP C 61 6.34 -13.35 34.03
C TRP C 61 7.46 -14.25 33.51
N GLU C 62 7.41 -15.53 33.83
CA GLU C 62 8.36 -16.48 33.26
C GLU C 62 8.34 -16.45 31.73
N ARG C 63 7.15 -16.64 31.15
CA ARG C 63 7.04 -16.69 29.67
C ARG C 63 7.50 -15.35 29.09
N GLU C 64 7.03 -14.24 29.67
CA GLU C 64 7.35 -12.92 29.12
C GLU C 64 8.83 -12.58 29.27
N THR C 65 9.42 -12.95 30.41
CA THR C 65 10.85 -12.74 30.65
C THR C 65 11.71 -13.52 29.68
N GLN C 66 11.31 -14.76 29.37
CA GLN C 66 12.02 -15.61 28.42
C GLN C 66 12.01 -15.02 27.01
N LYS C 67 10.86 -14.47 26.60
CA LYS C 67 10.75 -13.80 25.31
C LYS C 67 11.68 -12.60 25.21
N ALA C 68 11.76 -11.83 26.30
CA ALA C 68 12.59 -10.62 26.37
C ALA C 68 14.07 -10.94 26.11
N LYS C 69 14.59 -11.94 26.83
CA LYS C 69 15.99 -12.37 26.69
C LYS C 69 16.30 -12.91 25.29
N GLY C 70 15.26 -13.46 24.63
CA GLY C 70 15.36 -13.89 23.24
C GLY C 70 15.50 -12.71 22.31
N GLN C 71 14.68 -11.67 22.53
CA GLN C 71 14.73 -10.43 21.76
C GLN C 71 16.05 -9.70 21.95
N GLU C 72 16.53 -9.64 23.21
CA GLU C 72 17.80 -9.01 23.54
C GLU C 72 18.93 -9.59 22.69
N GLN C 73 18.92 -10.91 22.50
CA GLN C 73 19.90 -11.61 21.68
C GLN C 73 19.73 -11.29 20.21
N TRP C 74 18.47 -11.18 19.77
CA TRP C 74 18.15 -10.82 18.38
C TRP C 74 18.61 -9.39 18.06
N PHE C 75 18.36 -8.45 18.98
CA PHE C 75 18.80 -7.06 18.87
C PHE C 75 20.33 -6.94 18.86
N ARG C 76 20.99 -7.76 19.68
CA ARG C 76 22.47 -7.79 19.85
C ARG C 76 23.13 -8.06 18.49
N VAL C 77 22.68 -9.09 17.78
CA VAL C 77 23.26 -9.46 16.48
C VAL C 77 22.88 -8.45 15.40
N SER C 78 21.64 -7.97 15.43
CA SER C 78 21.13 -6.97 14.49
C SER C 78 21.96 -5.68 14.54
N LEU C 79 22.25 -5.21 15.77
CA LEU C 79 23.07 -4.01 15.99
C LEU C 79 24.45 -4.15 15.35
N ARG C 80 25.05 -5.32 15.52
CA ARG C 80 26.39 -5.56 14.95
C ARG C 80 26.26 -5.56 13.43
N ASN C 81 25.25 -6.23 12.91
CA ASN C 81 25.16 -6.28 11.45
C ASN C 81 25.01 -4.84 10.94
N LEU C 82 24.03 -4.11 11.45
CA LEU C 82 23.79 -2.74 10.99
C LEU C 82 25.05 -1.88 11.05
N LEU C 83 25.83 -2.06 12.13
CA LEU C 83 27.13 -1.41 12.29
C LEU C 83 28.02 -1.68 11.08
N GLY C 84 27.99 -2.93 10.59
CA GLY C 84 28.70 -3.37 9.41
C GLY C 84 28.39 -2.55 8.16
N TYR C 85 27.13 -2.61 7.71
CA TYR C 85 26.65 -2.00 6.45
C TYR C 85 26.88 -0.48 6.44
N TYR C 86 26.63 0.18 7.57
CA TYR C 86 26.72 1.66 7.60
C TYR C 86 28.13 2.13 7.93
N ASN C 87 29.04 1.21 8.24
CA ASN C 87 30.47 1.56 8.44
C ASN C 87 30.64 2.62 9.54
N GLN C 88 30.17 2.35 10.75
CA GLN C 88 30.41 3.31 11.85
C GLN C 88 31.51 2.74 12.75
N SER C 89 32.06 3.52 13.69
CA SER C 89 33.06 2.90 14.62
C SER C 89 32.37 1.82 15.47
N GLY C 92 30.38 5.60 18.58
CA GLY C 92 30.43 4.55 19.58
C GLY C 92 29.05 4.00 19.88
N SER C 93 28.10 4.90 20.16
CA SER C 93 26.76 4.54 20.60
C SER C 93 25.73 4.62 19.49
N HIS C 94 25.02 3.52 19.31
CA HIS C 94 23.99 3.42 18.24
C HIS C 94 22.70 2.88 18.84
N THR C 95 21.57 3.09 18.18
CA THR C 95 20.24 2.79 18.73
C THR C 95 19.38 2.07 17.71
N LEU C 96 18.88 0.89 18.11
CA LEU C 96 17.94 0.08 17.32
C LEU C 96 16.64 -0.08 18.10
N GLN C 97 15.53 0.23 17.43
CA GLN C 97 14.22 0.32 18.06
C GLN C 97 13.20 -0.48 17.29
N GLN C 98 12.34 -1.20 18.02
CA GLN C 98 11.17 -1.82 17.44
C GLN C 98 9.96 -1.27 18.15
N MET C 99 8.87 -1.10 17.40
CA MET C 99 7.56 -0.84 17.96
C MET C 99 6.58 -1.84 17.34
N SER C 100 5.68 -2.32 18.20
CA SER C 100 4.68 -3.35 17.81
C SER C 100 3.44 -3.14 18.65
N GLY C 101 2.27 -3.32 18.08
CA GLY C 101 1.03 -3.17 18.82
C GLY C 101 -0.22 -3.08 17.97
N CYS C 102 -1.31 -2.65 18.59
CA CYS C 102 -2.62 -2.61 17.95
C CYS C 102 -3.54 -1.52 18.51
N ASP C 103 -4.02 -0.65 17.61
CA ASP C 103 -5.04 0.34 17.91
C ASP C 103 -6.42 -0.25 17.73
N LEU C 104 -7.31 0.04 18.68
CA LEU C 104 -8.72 -0.28 18.55
C LEU C 104 -9.51 1.01 18.48
N GLY C 105 -10.72 0.94 17.90
CA GLY C 105 -11.66 2.04 17.87
C GLY C 105 -12.51 2.04 19.13
N SER C 106 -13.62 2.79 19.10
CA SER C 106 -14.55 2.79 20.26
C SER C 106 -15.29 1.46 20.30
N ASP C 107 -15.31 0.73 19.18
CA ASP C 107 -15.98 -0.59 19.12
C ASP C 107 -15.03 -1.65 19.72
N TRP C 108 -13.86 -1.21 20.15
CA TRP C 108 -12.90 -2.19 20.68
C TRP C 108 -12.62 -3.24 19.60
N ARG C 109 -12.42 -2.78 18.37
CA ARG C 109 -12.07 -3.71 17.28
C ARG C 109 -10.79 -3.24 16.61
N LEU C 110 -10.04 -4.13 15.97
CA LEU C 110 -8.74 -3.75 15.37
C LEU C 110 -8.93 -2.59 14.42
N LEU C 111 -8.37 -1.43 14.73
CA LEU C 111 -8.44 -0.32 13.74
C LEU C 111 -7.12 -0.24 12.98
N ARG C 112 -6.03 -0.65 13.63
CA ARG C 112 -4.74 -0.66 12.92
C ARG C 112 -3.74 -1.52 13.67
N GLY C 113 -2.82 -2.13 12.94
CA GLY C 113 -1.78 -2.97 13.55
C GLY C 113 -0.42 -2.46 13.13
N TYR C 114 0.57 -2.61 14.01
CA TYR C 114 1.93 -2.04 13.83
C TYR C 114 3.04 -3.08 14.07
N LEU C 115 4.00 -3.13 13.14
CA LEU C 115 5.28 -3.78 13.34
C LEU C 115 6.33 -2.98 12.56
N GLN C 116 7.24 -2.33 13.29
CA GLN C 116 8.14 -1.31 12.74
C GLN C 116 9.48 -1.33 13.41
N PHE C 117 10.50 -0.88 12.67
CA PHE C 117 11.84 -0.73 13.19
C PHE C 117 12.44 0.60 12.80
N ALA C 118 13.37 1.08 13.63
CA ALA C 118 14.15 2.28 13.35
C ALA C 118 15.59 2.08 13.82
N TYR C 119 16.54 2.54 13.01
CA TYR C 119 17.99 2.59 13.33
C TYR C 119 18.42 4.06 13.35
N GLU C 120 19.01 4.52 14.43
CA GLU C 120 19.53 5.90 14.49
C GLU C 120 18.38 6.90 14.38
N GLY C 121 17.22 6.54 14.89
CA GLY C 121 16.06 7.42 14.90
C GLY C 121 15.38 7.60 13.55
N ARG C 122 15.70 6.72 12.60
CA ARG C 122 15.19 6.77 11.20
C ARG C 122 14.49 5.45 10.86
N ASP C 123 13.25 5.53 10.39
CA ASP C 123 12.47 4.40 9.94
C ASP C 123 13.36 3.54 9.07
N TYR C 124 13.51 2.26 9.43
CA TYR C 124 14.30 1.24 8.69
C TYR C 124 13.37 0.36 7.86
N ILE C 125 12.42 -0.33 8.51
CA ILE C 125 11.38 -1.12 7.82
C ILE C 125 10.09 -1.17 8.66
N ALA C 126 8.95 -1.17 7.97
CA ALA C 126 7.65 -1.03 8.61
C ALA C 126 6.61 -1.86 7.90
N LEU C 127 5.79 -2.57 8.69
CA LEU C 127 4.64 -3.29 8.17
C LEU C 127 3.56 -2.25 7.88
N ASN C 128 3.06 -2.26 6.65
CA ASN C 128 2.05 -1.31 6.21
C ASN C 128 0.68 -1.64 6.79
N GLU C 129 -0.25 -0.69 6.66
CA GLU C 129 -1.63 -0.81 7.17
C GLU C 129 -2.36 -2.07 6.74
N ASP C 130 -2.07 -2.55 5.52
CA ASP C 130 -2.66 -3.77 4.98
C ASP C 130 -2.20 -5.06 5.69
N LEU C 131 -1.29 -4.92 6.65
CA LEU C 131 -0.64 -6.04 7.33
C LEU C 131 -0.13 -7.12 6.38
N LYS C 132 0.30 -6.70 5.18
CA LYS C 132 0.80 -7.68 4.17
C LYS C 132 2.12 -7.19 3.56
N THR C 133 2.23 -5.89 3.26
CA THR C 133 3.42 -5.36 2.59
C THR C 133 4.26 -4.49 3.52
N TRP C 134 5.51 -4.27 3.12
CA TRP C 134 6.49 -3.52 3.92
C TRP C 134 6.96 -2.27 3.20
N THR C 135 7.28 -1.22 3.97
CA THR C 135 7.94 -0.03 3.47
C THR C 135 9.39 0.00 3.96
N ALA C 136 10.32 0.19 3.03
CA ALA C 136 11.75 0.17 3.28
C ALA C 136 12.44 1.12 2.32
N ALA C 137 13.16 2.11 2.85
CA ALA C 137 13.73 3.19 2.04
C ALA C 137 15.03 2.81 1.35
N ASP C 138 16.06 2.49 2.17
CA ASP C 138 17.41 2.23 1.67
C ASP C 138 17.65 0.76 1.35
N MET C 139 18.84 0.45 0.80
CA MET C 139 19.10 -0.86 0.24
C MET C 139 19.25 -1.99 1.28
N ALA C 140 19.74 -1.65 2.48
CA ALA C 140 19.82 -2.63 3.56
C ALA C 140 18.41 -3.16 3.88
N ALA C 141 17.48 -2.23 4.12
CA ALA C 141 16.11 -2.55 4.48
C ALA C 141 15.32 -3.17 3.32
N GLN C 142 15.69 -2.80 2.09
CA GLN C 142 15.12 -3.43 0.90
C GLN C 142 15.51 -4.90 0.80
N ILE C 143 16.77 -5.20 1.14
CA ILE C 143 17.29 -6.56 1.17
C ILE C 143 16.61 -7.36 2.28
N THR C 144 16.41 -6.71 3.44
CA THR C 144 15.65 -7.28 4.54
C THR C 144 14.23 -7.62 4.09
N ARG C 145 13.60 -6.68 3.40
CA ARG C 145 12.18 -6.72 2.95
C ARG C 145 11.97 -7.92 2.01
N ARG C 146 12.93 -8.20 1.12
CA ARG C 146 12.86 -9.34 0.17
C ARG C 146 12.98 -10.66 0.94
N LYS C 147 13.81 -10.70 2.00
CA LYS C 147 13.95 -11.89 2.84
C LYS C 147 12.65 -12.19 3.56
N TRP C 148 12.07 -11.14 4.16
CA TRP C 148 10.84 -11.24 4.95
C TRP C 148 9.62 -11.58 4.09
N GLU C 149 9.60 -11.07 2.85
CA GLU C 149 8.58 -11.43 1.87
C GLU C 149 8.64 -12.91 1.49
N GLN C 150 9.86 -13.41 1.28
CA GLN C 150 10.10 -14.80 0.91
C GLN C 150 9.91 -15.78 2.08
N SER C 151 9.87 -15.26 3.31
CA SER C 151 9.60 -16.08 4.52
C SER C 151 8.18 -15.86 5.09
N GLY C 152 7.38 -15.01 4.44
CA GLY C 152 6.04 -14.68 4.87
C GLY C 152 5.98 -14.18 6.30
N ALA C 153 6.98 -13.38 6.69
CA ALA C 153 7.01 -12.71 7.98
C ALA C 153 5.68 -12.03 8.28
N ALA C 154 5.18 -11.28 7.28
CA ALA C 154 3.94 -10.52 7.40
C ALA C 154 2.75 -11.40 7.83
N GLU C 155 2.65 -12.58 7.22
CA GLU C 155 1.56 -13.52 7.60
C GLU C 155 1.67 -13.81 9.11
N HIS C 156 2.88 -14.14 9.57
CA HIS C 156 3.07 -14.47 11.01
C HIS C 156 2.59 -13.30 11.88
N TYR C 157 3.02 -12.08 11.56
CA TYR C 157 2.65 -10.86 12.33
C TYR C 157 1.19 -10.45 12.19
N LYS C 158 0.60 -10.58 10.99
CA LYS C 158 -0.82 -10.32 10.79
C LYS C 158 -1.64 -11.18 11.76
N ALA C 159 -1.33 -12.47 11.81
CA ALA C 159 -1.95 -13.44 12.73
C ALA C 159 -1.69 -13.07 14.19
N TYR C 160 -0.44 -12.76 14.55
CA TYR C 160 -0.21 -12.32 15.95
C TYR C 160 -1.01 -11.05 16.24
N LEU C 161 -0.76 -9.97 15.49
CA LEU C 161 -1.43 -8.67 15.77
C LEU C 161 -2.96 -8.79 15.71
N GLU C 162 -3.52 -9.48 14.72
CA GLU C 162 -4.99 -9.49 14.55
C GLU C 162 -5.69 -10.27 15.67
N GLY C 163 -5.03 -11.24 16.29
CA GLY C 163 -5.74 -12.03 17.31
C GLY C 163 -5.19 -11.80 18.70
N GLU C 164 -3.98 -12.27 19.00
CA GLU C 164 -3.45 -12.16 20.38
C GLU C 164 -3.40 -10.70 20.85
N CYS C 165 -2.87 -9.79 20.02
CA CYS C 165 -2.70 -8.40 20.44
C CYS C 165 -3.99 -7.83 21.01
N VAL C 166 -5.11 -8.04 20.29
CA VAL C 166 -6.43 -7.53 20.76
C VAL C 166 -6.87 -8.35 21.98
N GLU C 167 -6.68 -9.66 21.93
CA GLU C 167 -7.06 -10.53 23.05
C GLU C 167 -6.50 -10.00 24.36
N TRP C 168 -5.18 -9.88 24.45
CA TRP C 168 -4.51 -9.41 25.64
C TRP C 168 -4.93 -7.98 26.02
N LEU C 169 -5.12 -7.11 25.01
CA LEU C 169 -5.56 -5.74 25.22
C LEU C 169 -6.96 -5.67 25.86
N HIS C 170 -7.85 -6.58 25.47
CA HIS C 170 -9.18 -6.68 26.09
C HIS C 170 -9.05 -6.99 27.58
N ARG C 171 -8.21 -8.00 27.88
CA ARG C 171 -7.93 -8.48 29.27
C ARG C 171 -7.37 -7.34 30.12
N TYR C 172 -6.33 -6.65 29.63
CA TYR C 172 -5.66 -5.52 30.34
C TYR C 172 -6.65 -4.37 30.53
N LEU C 173 -7.48 -4.09 29.52
CA LEU C 173 -8.48 -3.00 29.62
C LEU C 173 -9.47 -3.32 30.74
N LYS C 174 -9.99 -4.55 30.77
CA LYS C 174 -10.99 -4.93 31.81
C LYS C 174 -10.35 -4.91 33.19
N ASN C 175 -9.17 -5.53 33.33
CA ASN C 175 -8.48 -5.61 34.62
C ASN C 175 -8.07 -4.26 35.20
N GLY C 176 -7.68 -3.33 34.33
CA GLY C 176 -7.28 -1.99 34.72
C GLY C 176 -8.30 -0.91 34.40
N ASN C 177 -9.57 -1.29 34.33
CA ASN C 177 -10.60 -0.32 33.92
C ASN C 177 -10.67 0.84 34.89
N ALA C 178 -10.58 0.54 36.17
CA ALA C 178 -10.74 1.55 37.22
C ALA C 178 -9.86 2.78 36.99
N THR C 179 -8.82 2.62 36.16
CA THR C 179 -7.92 3.77 35.84
C THR C 179 -7.88 4.02 34.34
N LEU C 180 -7.96 2.96 33.52
CA LEU C 180 -7.85 3.09 32.06
C LEU C 180 -9.14 3.58 31.39
N LEU C 181 -10.29 3.21 31.98
CA LEU C 181 -11.60 3.66 31.52
C LEU C 181 -12.16 4.79 32.39
N ARG C 182 -11.33 5.29 33.33
CA ARG C 182 -11.58 6.52 34.12
C ARG C 182 -11.64 7.71 33.16
N THR C 183 -12.42 8.74 33.50
CA THR C 183 -12.53 9.96 32.71
C THR C 183 -12.58 11.19 33.62
N ASP C 184 -11.39 11.63 34.06
CA ASP C 184 -11.22 12.85 34.83
C ASP C 184 -11.44 14.07 33.94
N SER C 185 -12.38 14.93 34.36
CA SER C 185 -12.81 16.08 33.58
C SER C 185 -11.88 17.26 33.83
N PRO C 186 -11.61 18.11 32.81
CA PRO C 186 -10.70 19.25 32.98
C PRO C 186 -11.32 20.39 33.80
N LYS C 187 -10.60 20.88 34.81
CA LYS C 187 -10.93 22.11 35.53
C LYS C 187 -10.28 23.27 34.78
N ALA C 188 -11.10 24.08 34.10
CA ALA C 188 -10.64 25.16 33.26
C ALA C 188 -10.93 26.54 33.84
N HIS C 189 -10.04 27.49 33.51
CA HIS C 189 -10.12 28.87 34.01
C HIS C 189 -9.25 29.76 33.12
N VAL C 190 -9.58 31.05 32.96
CA VAL C 190 -8.86 31.99 32.11
C VAL C 190 -8.11 33.02 32.96
N THR C 191 -6.86 33.34 32.56
CA THR C 191 -6.03 34.33 33.24
C THR C 191 -5.74 35.55 32.35
N HIS C 192 -5.36 36.66 33.02
CA HIS C 192 -5.20 37.98 32.41
C HIS C 192 -3.76 38.46 32.64
N HIS C 193 -3.09 38.87 31.56
CA HIS C 193 -1.69 39.33 31.67
C HIS C 193 -1.46 40.52 30.74
N PRO C 194 -1.23 41.76 31.24
CA PRO C 194 -0.97 42.91 30.38
C PRO C 194 0.25 42.66 29.47
N ARG C 195 0.15 43.12 28.22
CA ARG C 195 1.26 42.91 27.25
C ARG C 195 1.45 44.18 26.42
N SER C 196 2.68 44.68 26.32
CA SER C 196 2.98 45.87 25.48
C SER C 196 2.01 47.01 25.78
N LYS C 197 1.46 47.64 24.74
CA LYS C 197 0.56 48.80 24.91
C LYS C 197 -0.88 48.43 24.57
N GLY C 198 -1.84 48.74 25.46
CA GLY C 198 -3.26 48.49 25.18
C GLY C 198 -3.50 47.08 24.68
N GLU C 199 -2.69 46.12 25.11
CA GLU C 199 -2.85 44.70 24.70
C GLU C 199 -2.80 43.80 25.93
N VAL C 200 -3.55 42.70 25.90
CA VAL C 200 -3.60 41.79 27.08
C VAL C 200 -3.69 40.33 26.61
N THR C 201 -2.76 39.49 27.09
CA THR C 201 -2.80 38.05 26.78
C THR C 201 -3.86 37.37 27.64
N LEU C 202 -4.84 36.75 26.99
CA LEU C 202 -5.82 35.88 27.64
C LEU C 202 -5.34 34.45 27.49
N ARG C 203 -5.06 33.79 28.62
CA ARG C 203 -4.59 32.37 28.66
C ARG C 203 -5.71 31.49 29.22
N CYS C 204 -6.17 30.52 28.42
CA CYS C 204 -7.17 29.54 28.81
C CYS C 204 -6.45 28.30 29.30
N TRP C 205 -6.64 27.97 30.59
CA TRP C 205 -6.07 26.78 31.20
C TRP C 205 -7.04 25.60 31.19
N ALA C 206 -6.47 24.39 31.18
CA ALA C 206 -7.19 23.15 31.43
C ALA C 206 -6.29 22.28 32.30
N LEU C 207 -6.74 22.01 33.52
CA LEU C 207 -5.93 21.21 34.46
C LEU C 207 -6.74 20.01 34.96
N GLY C 208 -6.02 18.98 35.37
CA GLY C 208 -6.65 17.77 35.94
C GLY C 208 -7.43 16.97 34.93
N PHE C 209 -6.81 16.47 33.86
CA PHE C 209 -7.66 15.77 32.85
C PHE C 209 -7.03 14.45 32.36
N TYR C 210 -7.83 13.37 32.34
CA TYR C 210 -7.38 12.07 31.81
C TYR C 210 -8.61 11.51 31.13
N PRO C 211 -8.59 11.19 29.82
CA PRO C 211 -7.33 11.03 29.09
C PRO C 211 -6.72 12.38 28.72
N ALA C 212 -5.58 12.36 28.05
CA ALA C 212 -4.88 13.60 27.61
C ALA C 212 -5.52 14.23 26.38
N ASP C 213 -6.17 13.42 25.54
CA ASP C 213 -6.89 13.97 24.35
CA ASP C 213 -6.89 13.97 24.35
C ASP C 213 -7.76 15.19 24.71
N ILE C 214 -7.39 16.35 24.16
CA ILE C 214 -8.12 17.57 24.58
C ILE C 214 -8.03 18.59 23.47
N THR C 215 -9.08 19.37 23.28
CA THR C 215 -9.05 20.46 22.33
C THR C 215 -9.39 21.77 23.04
N LEU C 216 -8.52 22.76 22.92
CA LEU C 216 -8.84 24.07 23.50
C LEU C 216 -9.00 25.05 22.34
N THR C 217 -10.13 25.74 22.26
CA THR C 217 -10.40 26.64 21.12
C THR C 217 -10.76 28.03 21.63
N TRP C 218 -10.40 29.06 20.90
CA TRP C 218 -10.71 30.45 21.27
C TRP C 218 -11.61 31.08 20.20
N GLN C 219 -12.53 31.95 20.60
CA GLN C 219 -13.44 32.64 19.69
C GLN C 219 -13.53 34.13 19.97
N LEU C 220 -13.99 34.87 18.95
CA LEU C 220 -14.32 36.29 19.03
C LEU C 220 -15.69 36.44 18.42
N ASN C 221 -16.72 36.57 19.29
CA ASN C 221 -18.13 36.61 18.90
C ASN C 221 -18.56 35.31 18.20
N GLY C 222 -18.16 34.17 18.78
CA GLY C 222 -18.45 32.85 18.24
C GLY C 222 -17.77 32.56 16.90
N GLU C 223 -16.60 33.16 16.68
CA GLU C 223 -15.79 32.96 15.48
C GLU C 223 -14.43 32.42 15.89
N GLU C 224 -14.01 31.32 15.25
CA GLU C 224 -12.77 30.63 15.57
C GLU C 224 -11.55 31.52 15.27
N LEU C 225 -10.60 31.55 16.22
CA LEU C 225 -9.35 32.30 16.07
C LEU C 225 -8.19 31.32 15.91
N THR C 226 -7.69 31.19 14.70
CA THR C 226 -6.66 30.17 14.42
C THR C 226 -5.30 30.79 14.14
N GLN C 227 -5.26 31.86 13.36
CA GLN C 227 -3.95 32.42 12.91
C GLN C 227 -3.01 32.73 14.07
N ASP C 228 -3.45 33.55 15.02
CA ASP C 228 -2.44 33.98 16.03
C ASP C 228 -2.43 33.09 17.28
N MET C 229 -3.47 32.28 17.49
CA MET C 229 -3.57 31.46 18.71
C MET C 229 -2.36 30.57 18.99
N GLU C 230 -1.91 30.58 20.25
CA GLU C 230 -0.74 29.86 20.73
C GLU C 230 -1.15 28.73 21.68
N LEU C 231 -0.68 27.51 21.40
CA LEU C 231 -0.85 26.35 22.28
C LEU C 231 0.51 25.85 22.76
N VAL C 232 0.53 25.29 23.97
CA VAL C 232 1.63 24.42 24.40
C VAL C 232 1.16 22.97 24.32
N GLU C 233 2.12 22.04 24.16
CA GLU C 233 1.83 20.61 24.14
C GLU C 233 1.20 20.20 25.45
N THR C 234 0.24 19.28 25.38
CA THR C 234 -0.30 18.63 26.57
C THR C 234 0.89 18.10 27.36
N ARG C 235 0.87 18.26 28.68
CA ARG C 235 1.98 17.86 29.57
C ARG C 235 1.44 17.15 30.81
N PRO C 236 2.20 16.18 31.38
CA PRO C 236 1.78 15.47 32.59
C PRO C 236 2.01 16.29 33.87
N ALA C 237 1.02 16.31 34.76
CA ALA C 237 1.17 16.99 36.04
C ALA C 237 2.11 16.22 36.96
N GLY C 238 2.12 14.88 36.81
CA GLY C 238 2.92 14.00 37.63
C GLY C 238 2.08 13.20 38.63
N ASP C 239 0.77 13.44 38.63
CA ASP C 239 -0.17 12.73 39.56
C ASP C 239 -1.10 11.84 38.75
N GLY C 240 -0.78 11.58 37.48
CA GLY C 240 -1.60 10.76 36.59
C GLY C 240 -2.50 11.59 35.71
N THR C 241 -2.62 12.88 36.03
CA THR C 241 -3.51 13.78 35.24
C THR C 241 -2.68 14.53 34.20
N PHE C 242 -3.31 15.51 33.55
CA PHE C 242 -2.61 16.23 32.46
C PHE C 242 -2.98 17.72 32.45
N GLN C 243 -2.15 18.55 31.83
CA GLN C 243 -2.31 19.99 31.74
C GLN C 243 -2.11 20.47 30.31
N LYS C 244 -2.77 21.57 29.97
CA LYS C 244 -2.61 22.25 28.69
C LYS C 244 -3.16 23.66 28.79
N TRP C 245 -2.66 24.57 27.92
CA TRP C 245 -3.24 25.90 27.77
C TRP C 245 -3.14 26.49 26.38
N ALA C 246 -4.01 27.45 26.13
CA ALA C 246 -4.03 28.13 24.82
C ALA C 246 -4.16 29.61 25.11
N SER C 247 -3.43 30.43 24.40
CA SER C 247 -3.45 31.87 24.69
C SER C 247 -3.77 32.64 23.44
N VAL C 248 -4.24 33.87 23.62
CA VAL C 248 -4.64 34.77 22.50
C VAL C 248 -4.48 36.20 22.98
N VAL C 249 -4.00 37.08 22.12
CA VAL C 249 -3.82 38.50 22.43
C VAL C 249 -5.09 39.26 22.06
N VAL C 250 -5.48 40.18 22.96
CA VAL C 250 -6.69 41.03 22.72
C VAL C 250 -6.45 42.42 23.33
N PRO C 251 -6.97 43.52 22.74
CA PRO C 251 -6.90 44.84 23.36
C PRO C 251 -7.53 44.92 24.76
N LEU C 252 -6.92 45.69 25.67
CA LEU C 252 -7.53 45.87 27.01
C LEU C 252 -8.86 46.60 26.84
N GLY C 253 -9.95 46.05 27.38
CA GLY C 253 -11.28 46.68 27.25
C GLY C 253 -12.19 45.87 26.34
N LYS C 254 -11.61 45.02 25.49
CA LYS C 254 -12.42 44.18 24.57
C LYS C 254 -12.26 42.72 24.99
N GLU C 255 -11.93 42.46 26.26
CA GLU C 255 -11.67 41.07 26.71
C GLU C 255 -12.92 40.20 26.59
N GLN C 256 -14.03 40.69 27.12
CA GLN C 256 -15.27 39.87 27.21
C GLN C 256 -15.84 39.52 25.84
N ASN C 257 -15.36 40.12 24.77
CA ASN C 257 -15.89 39.69 23.45
C ASN C 257 -15.28 38.35 23.06
N TYR C 258 -14.32 37.87 23.83
CA TYR C 258 -13.61 36.61 23.47
C TYR C 258 -14.01 35.50 24.44
N THR C 259 -14.16 34.27 23.93
CA THR C 259 -14.60 33.11 24.75
C THR C 259 -13.71 31.89 24.45
N CYS C 260 -13.36 31.13 25.49
CA CYS C 260 -12.59 29.89 25.35
C CYS C 260 -13.45 28.66 25.58
N ARG C 261 -13.65 27.85 24.53
CA ARG C 261 -14.36 26.55 24.59
C ARG C 261 -13.32 25.41 24.69
N VAL C 262 -13.65 24.43 25.54
CA VAL C 262 -12.79 23.25 25.75
C VAL C 262 -13.58 22.03 25.34
N TYR C 263 -12.93 21.05 24.76
CA TYR C 263 -13.55 19.75 24.35
C TYR C 263 -12.79 18.60 25.03
N HIS C 264 -13.52 17.69 25.68
CA HIS C 264 -12.94 16.54 26.34
C HIS C 264 -13.99 15.42 26.53
N GLU C 265 -13.50 14.19 26.70
CA GLU C 265 -14.32 13.00 26.87
C GLU C 265 -15.23 13.11 28.10
N GLY C 266 -14.65 13.54 29.23
CA GLY C 266 -15.33 13.68 30.51
C GLY C 266 -16.42 14.73 30.57
N LEU C 267 -16.45 15.63 29.58
CA LEU C 267 -17.48 16.66 29.47
C LEU C 267 -18.72 16.10 28.78
N PRO C 268 -19.92 16.29 29.35
CA PRO C 268 -21.16 15.90 28.67
C PRO C 268 -21.35 16.73 27.38
N GLU C 269 -21.10 18.04 27.47
CA GLU C 269 -20.98 18.92 26.31
C GLU C 269 -19.81 19.88 26.60
N PRO C 270 -19.24 20.56 25.56
CA PRO C 270 -18.02 21.33 25.76
C PRO C 270 -18.20 22.58 26.65
N LEU C 271 -17.23 22.84 27.53
CA LEU C 271 -17.21 24.04 28.37
C LEU C 271 -17.06 25.30 27.53
N THR C 272 -17.57 26.41 28.07
CA THR C 272 -17.36 27.75 27.50
C THR C 272 -16.98 28.69 28.64
N LEU C 273 -15.89 29.45 28.44
CA LEU C 273 -15.31 30.30 29.48
C LEU C 273 -14.95 31.70 28.96
N ARG C 274 -14.83 32.63 29.91
CA ARG C 274 -14.41 34.04 29.68
C ARG C 274 -13.53 34.47 30.86
N TRP C 275 -12.81 35.59 30.70
CA TRP C 275 -12.04 36.18 31.78
C TRP C 275 -12.99 36.87 32.77
N GLU C 276 -12.71 36.71 34.05
CA GLU C 276 -13.59 37.24 35.11
C GLU C 276 -12.74 37.96 36.17
N PRO C 277 -13.02 39.24 36.50
CA PRO C 277 -12.20 40.05 37.40
C PRO C 277 -11.53 39.28 38.54
N MET D 1 20.24 8.32 9.74
CA MET D 1 20.16 8.97 11.07
C MET D 1 19.18 10.13 11.09
N ILE D 2 18.36 10.20 12.14
CA ILE D 2 17.56 11.38 12.44
C ILE D 2 17.64 11.70 13.93
N GLN D 3 18.44 12.71 14.26
CA GLN D 3 18.53 13.27 15.59
C GLN D 3 17.50 14.37 15.75
N ARG D 4 16.98 14.50 16.97
CA ARG D 4 15.89 15.45 17.32
C ARG D 4 16.22 16.09 18.67
N THR D 5 16.16 17.43 18.73
CA THR D 5 16.51 18.17 19.93
C THR D 5 15.36 18.17 20.93
N PRO D 6 15.63 18.02 22.24
CA PRO D 6 14.58 17.92 23.24
C PRO D 6 13.69 19.17 23.30
N LYS D 7 12.38 18.96 23.41
CA LYS D 7 11.42 20.02 23.69
C LYS D 7 11.24 20.04 25.19
N ILE D 8 11.17 21.25 25.75
CA ILE D 8 11.18 21.47 27.19
C ILE D 8 9.98 22.28 27.68
N GLN D 9 9.41 21.85 28.80
CA GLN D 9 8.45 22.65 29.56
C GLN D 9 8.77 22.52 31.04
N VAL D 10 8.74 23.66 31.75
CA VAL D 10 8.96 23.72 33.19
C VAL D 10 7.78 24.42 33.84
N TYR D 11 7.15 23.73 34.79
CA TYR D 11 5.82 24.13 35.34
C TYR D 11 5.59 23.45 36.70
N SER D 12 4.74 24.06 37.52
CA SER D 12 4.29 23.47 38.78
C SER D 12 3.10 22.56 38.50
N ARG D 13 3.01 21.47 39.27
CA ARG D 13 1.91 20.46 39.20
C ARG D 13 0.57 21.13 39.49
N HIS D 14 0.53 22.04 40.46
CA HIS D 14 -0.66 22.79 40.83
C HIS D 14 -0.35 24.28 40.71
N PRO D 15 -1.37 25.14 40.49
CA PRO D 15 -1.15 26.59 40.45
C PRO D 15 -0.40 27.04 41.72
N ALA D 16 0.71 27.75 41.53
CA ALA D 16 1.57 28.17 42.63
C ALA D 16 0.87 29.24 43.47
N GLU D 17 0.77 28.94 44.78
CA GLU D 17 0.48 29.93 45.83
C GLU D 17 1.78 30.07 46.62
N ASN D 18 2.12 31.31 46.92
CA ASN D 18 3.41 31.54 47.61
C ASN D 18 3.32 30.97 49.00
N GLY D 19 4.29 30.17 49.38
CA GLY D 19 4.39 29.55 50.70
C GLY D 19 3.74 28.18 50.84
N LYS D 20 2.88 27.83 49.88
CA LYS D 20 2.21 26.52 49.83
C LYS D 20 3.07 25.53 49.06
N SER D 21 3.02 24.26 49.47
CA SER D 21 3.83 23.21 48.87
C SER D 21 3.25 22.81 47.52
N ASN D 22 4.13 22.24 46.68
CA ASN D 22 3.84 21.97 45.28
C ASN D 22 4.99 21.11 44.74
N PHE D 23 4.91 20.77 43.45
CA PHE D 23 5.95 20.00 42.76
C PHE D 23 6.38 20.73 41.50
N LEU D 24 7.67 21.04 41.41
CA LEU D 24 8.27 21.64 40.21
C LEU D 24 8.65 20.54 39.23
N ASN D 25 8.08 20.61 38.02
CA ASN D 25 8.33 19.64 36.96
C ASN D 25 9.20 20.21 35.87
N CYS D 26 9.97 19.34 35.22
CA CYS D 26 10.60 19.63 33.96
C CYS D 26 10.34 18.45 33.02
N TYR D 27 9.54 18.70 31.99
CA TYR D 27 9.10 17.69 30.99
C TYR D 27 10.01 17.82 29.77
N VAL D 28 10.80 16.77 29.50
CA VAL D 28 11.70 16.76 28.36
C VAL D 28 11.30 15.61 27.47
N SER D 29 11.12 15.90 26.17
CA SER D 29 10.41 15.04 25.26
C SER D 29 10.78 15.30 23.81
N GLY D 30 10.51 14.32 22.96
CA GLY D 30 10.69 14.45 21.53
C GLY D 30 12.13 14.55 21.12
N PHE D 31 13.02 13.89 21.87
CA PHE D 31 14.45 13.92 21.58
C PHE D 31 14.95 12.57 21.10
N HIS D 32 16.01 12.61 20.29
CA HIS D 32 16.71 11.42 19.83
C HIS D 32 18.15 11.78 19.49
N PRO D 33 19.19 11.03 19.95
CA PRO D 33 19.02 9.79 20.73
C PRO D 33 18.79 10.03 22.23
N SER D 34 18.85 8.94 23.03
CA SER D 34 18.33 8.88 24.39
C SER D 34 19.23 9.43 25.50
N ASP D 35 20.50 9.56 25.17
CA ASP D 35 21.46 10.12 26.14
C ASP D 35 21.10 11.56 26.38
N ILE D 36 20.78 11.89 27.60
CA ILE D 36 20.38 13.25 27.92
C ILE D 36 20.75 13.58 29.36
N GLU D 37 21.02 14.87 29.60
CA GLU D 37 21.39 15.38 30.90
C GLU D 37 20.39 16.45 31.28
N VAL D 38 19.68 16.25 32.38
CA VAL D 38 18.66 17.24 32.85
C VAL D 38 18.94 17.55 34.32
N ASP D 39 18.70 18.79 34.70
CA ASP D 39 18.92 19.23 36.10
C ASP D 39 18.01 20.42 36.41
N LEU D 40 17.26 20.37 37.52
CA LEU D 40 16.46 21.53 37.95
C LEU D 40 17.39 22.52 38.66
N LEU D 41 17.12 23.83 38.57
CA LEU D 41 18.06 24.81 39.16
C LEU D 41 17.36 25.84 40.04
N LYS D 42 17.79 25.96 41.30
CA LYS D 42 17.26 26.98 42.19
C LYS D 42 18.32 28.07 42.28
N ASN D 43 17.92 29.30 41.93
CA ASN D 43 18.79 30.49 41.90
C ASN D 43 20.21 30.15 41.45
N GLY D 44 20.32 29.52 40.28
CA GLY D 44 21.60 29.21 39.66
C GLY D 44 22.19 27.86 40.02
N GLU D 45 21.95 27.41 41.26
CA GLU D 45 22.53 26.18 41.79
C GLU D 45 21.69 24.95 41.45
N ARG D 46 22.35 23.80 41.38
CA ARG D 46 21.67 22.55 41.01
C ARG D 46 20.81 22.04 42.15
N ILE D 47 19.51 21.92 41.97
CA ILE D 47 18.71 21.30 43.04
C ILE D 47 19.08 19.82 43.05
N GLU D 48 19.90 19.41 44.00
CA GLU D 48 20.23 17.97 44.10
C GLU D 48 19.02 17.20 44.62
N LYS D 49 19.13 15.89 44.67
CA LYS D 49 18.03 15.05 45.22
C LYS D 49 16.79 15.20 44.34
N VAL D 50 16.98 15.52 43.06
CA VAL D 50 15.83 15.59 42.11
C VAL D 50 15.60 14.15 41.64
N GLU D 51 14.33 13.78 41.55
CA GLU D 51 13.96 12.42 41.11
C GLU D 51 13.35 12.47 39.73
N HIS D 52 13.66 11.47 38.91
CA HIS D 52 13.12 11.41 37.57
C HIS D 52 12.42 10.10 37.32
N SER D 53 11.53 10.11 36.32
CA SER D 53 10.93 8.90 35.78
C SER D 53 12.00 8.12 35.01
N ASP D 54 11.68 6.87 34.69
CA ASP D 54 12.53 6.05 33.83
C ASP D 54 12.29 6.48 32.40
N LEU D 55 13.22 6.12 31.51
CA LEU D 55 13.17 6.51 30.11
C LEU D 55 11.92 5.93 29.46
N SER D 56 11.20 6.82 28.81
CA SER D 56 9.93 6.42 28.18
C SER D 56 10.09 6.48 26.66
N PHE D 57 9.10 5.98 25.92
CA PHE D 57 9.20 5.81 24.47
C PHE D 57 7.92 6.19 23.76
N SER D 58 8.06 7.00 22.70
CA SER D 58 6.95 7.52 21.90
C SER D 58 6.85 6.82 20.55
N LYS D 59 5.64 6.85 19.96
CA LYS D 59 5.35 6.18 18.69
C LYS D 59 6.20 6.67 17.52
N ASP D 60 6.75 7.89 17.68
CA ASP D 60 7.61 8.51 16.63
C ASP D 60 9.08 8.17 16.87
N TRP D 61 9.35 7.22 17.78
CA TRP D 61 10.75 6.75 18.04
C TRP D 61 11.48 7.72 18.98
N SER D 62 10.81 8.78 19.43
CA SER D 62 11.47 9.78 20.32
C SER D 62 11.37 9.35 21.78
N PHE D 63 12.21 9.91 22.65
CA PHE D 63 12.16 9.59 24.08
C PHE D 63 11.62 10.77 24.85
N TYR D 64 11.21 10.52 26.09
CA TYR D 64 10.77 11.58 27.04
C TYR D 64 10.96 11.13 28.49
N LEU D 65 11.20 12.11 29.36
CA LEU D 65 11.38 11.94 30.79
C LEU D 65 10.60 13.02 31.48
N LEU D 66 10.27 12.78 32.75
CA LEU D 66 9.77 13.81 33.65
C LEU D 66 10.68 13.84 34.87
N TYR D 67 11.41 14.96 35.02
CA TYR D 67 12.18 15.31 36.24
C TYR D 67 11.30 16.18 37.13
N TYR D 68 11.30 15.94 38.44
CA TYR D 68 10.42 16.61 39.42
C TYR D 68 11.03 16.59 40.82
N THR D 69 10.60 17.56 41.64
CA THR D 69 10.97 17.64 43.05
C THR D 69 9.87 18.44 43.73
N GLU D 70 9.67 18.18 45.01
CA GLU D 70 8.68 18.99 45.76
C GLU D 70 9.31 20.33 46.05
N PHE D 71 8.51 21.39 46.12
CA PHE D 71 9.11 22.73 46.29
C PHE D 71 8.06 23.70 46.81
N THR D 72 8.50 24.69 47.59
CA THR D 72 7.56 25.71 48.06
C THR D 72 7.94 27.02 47.39
N PRO D 73 7.15 27.48 46.42
CA PRO D 73 7.44 28.71 45.70
C PRO D 73 7.29 29.97 46.58
N THR D 74 8.33 30.79 46.63
CA THR D 74 8.30 32.11 47.24
C THR D 74 8.22 33.12 46.09
N GLU D 75 8.28 34.40 46.44
CA GLU D 75 8.26 35.48 45.45
C GLU D 75 9.66 35.70 44.88
N LYS D 76 10.68 35.70 45.73
CA LYS D 76 12.06 36.03 45.27
C LYS D 76 12.70 34.84 44.54
N ASP D 77 12.39 33.61 44.93
CA ASP D 77 13.05 32.45 44.35
C ASP D 77 12.65 32.25 42.89
N GLU D 78 13.66 31.96 42.05
CA GLU D 78 13.46 31.66 40.65
C GLU D 78 14.12 30.32 40.31
N TYR D 79 13.39 29.50 39.54
CA TYR D 79 13.71 28.08 39.24
C TYR D 79 13.84 27.89 37.72
N ALA D 80 14.66 26.91 37.29
CA ALA D 80 14.85 26.63 35.87
C ALA D 80 15.19 25.17 35.63
N CYS D 81 15.05 24.75 34.36
CA CYS D 81 15.45 23.42 33.92
C CYS D 81 16.56 23.58 32.90
N ARG D 82 17.69 22.92 33.19
CA ARG D 82 18.93 22.95 32.37
C ARG D 82 19.05 21.59 31.66
N VAL D 83 19.09 21.60 30.31
CA VAL D 83 19.11 20.38 29.52
C VAL D 83 20.30 20.38 28.54
N ASN D 84 20.95 19.22 28.40
CA ASN D 84 22.02 19.02 27.42
C ASN D 84 21.86 17.70 26.67
N HIS D 85 22.24 17.74 25.39
CA HIS D 85 21.99 16.70 24.41
C HIS D 85 22.98 16.94 23.29
N VAL D 86 23.19 15.94 22.43
CA VAL D 86 24.13 16.07 21.32
C VAL D 86 23.67 17.04 20.24
N THR D 87 22.35 17.28 20.17
CA THR D 87 21.78 18.21 19.18
C THR D 87 22.05 19.69 19.49
N LEU D 88 22.60 19.97 20.68
CA LEU D 88 22.75 21.32 21.21
C LEU D 88 24.20 21.77 21.25
N SER D 89 24.45 23.01 20.81
CA SER D 89 25.80 23.59 20.79
C SER D 89 26.27 23.97 22.19
N GLN D 90 25.28 24.12 23.09
CA GLN D 90 25.55 24.44 24.50
C GLN D 90 24.31 24.02 25.30
N PRO D 91 24.38 23.84 26.64
CA PRO D 91 23.20 23.48 27.43
C PRO D 91 22.08 24.52 27.24
N LYS D 92 20.83 24.03 27.26
CA LYS D 92 19.64 24.84 27.06
C LYS D 92 18.98 25.04 28.42
N ILE D 93 18.61 26.29 28.72
CA ILE D 93 17.98 26.65 29.99
C ILE D 93 16.60 27.25 29.77
N VAL D 94 15.62 26.74 30.51
CA VAL D 94 14.26 27.24 30.47
C VAL D 94 13.82 27.60 31.88
N LYS D 95 13.47 28.87 32.07
CA LYS D 95 13.12 29.43 33.37
C LYS D 95 11.65 29.18 33.67
N TRP D 96 11.36 28.77 34.91
CA TRP D 96 10.00 28.59 35.39
C TRP D 96 9.29 29.93 35.43
N ASP D 97 8.09 29.96 34.84
CA ASP D 97 7.18 31.09 34.87
C ASP D 97 5.83 30.50 35.27
N ARG D 98 5.38 30.84 36.47
CA ARG D 98 4.20 30.22 37.15
C ARG D 98 2.90 30.53 36.40
N ASP D 99 2.94 31.44 35.42
CA ASP D 99 1.78 31.75 34.57
C ASP D 99 1.80 30.99 33.23
N MET D 100 2.71 30.02 33.10
CA MET D 100 2.91 29.29 31.86
C MET D 100 3.15 27.80 32.09
C1 NAG E . 6.01 15.12 -15.79
C2 NAG E . 7.08 15.93 -16.53
C3 NAG E . 7.19 17.31 -15.91
C4 NAG E . 5.83 18.00 -15.92
C5 NAG E . 4.82 17.12 -15.20
C6 NAG E . 3.41 17.67 -15.27
C7 NAG E . 8.91 14.74 -17.62
C8 NAG E . 8.11 14.87 -18.89
N2 NAG E . 8.36 15.26 -16.53
O3 NAG E . 8.14 18.08 -16.64
O4 NAG E . 5.92 19.24 -15.23
O5 NAG E . 4.78 15.81 -15.80
O6 NAG E . 2.95 17.71 -16.62
O7 NAG E . 9.99 14.15 -17.59
C1 NAG E . 5.64 20.29 -16.18
C2 NAG E . 5.24 21.55 -15.42
C3 NAG E . 4.95 22.67 -16.42
C4 NAG E . 6.15 22.88 -17.33
C5 NAG E . 6.52 21.58 -18.00
C6 NAG E . 7.78 21.68 -18.84
C7 NAG E . 2.84 21.07 -14.80
C8 NAG E . 2.50 20.83 -16.24
N2 NAG E . 4.12 21.32 -14.51
O3 NAG E . 4.62 23.86 -15.71
O4 NAG E . 5.82 23.84 -18.33
O5 NAG E . 6.75 20.54 -17.03
O6 NAG E . 8.08 20.44 -19.48
O7 NAG E . 1.98 21.04 -13.94
C1 BMA E . 6.27 25.14 -17.91
C2 BMA E . 7.78 25.18 -17.92
C3 BMA E . 8.27 26.54 -17.48
C4 BMA E . 7.66 27.63 -18.36
C5 BMA E . 6.14 27.51 -18.33
C6 BMA E . 5.47 28.48 -19.28
O2 BMA E . 8.26 24.86 -19.21
O3 BMA E . 9.70 26.59 -17.57
O4 BMA E . 8.04 28.91 -17.89
O5 BMA E . 5.74 26.19 -18.73
O6 BMA E . 5.87 28.24 -20.62
#